data_4K6J
#
_entry.id   4K6J
#
_cell.length_a   107.540
_cell.length_b   107.540
_cell.length_c   300.608
_cell.angle_alpha   90.000
_cell.angle_beta   90.000
_cell.angle_gamma   90.000
#
_symmetry.space_group_name_H-M   'P 41 21 2'
#
loop_
_entity.id
_entity.type
_entity.pdbx_description
1 polymer 'Wings apart-like protein homolog'
2 non-polymer 'SULFATE ION'
3 non-polymer 'ACETATE ION'
4 water water
#
_entity_poly.entity_id   1
_entity_poly.type   'polypeptide(L)'
_entity_poly.pdbx_seq_one_letter_code
;GPLGSGRPELYTVVQHVKHFNDVVEFGENQEFTDDIEYLLSGLKSTQPLNTRCLSVISLATKCAMPSFRMHLRAHGMVAM
VFKTLDDSQHHQNLSLCTAALMYILSRDRLNMDLDRASLDLMIRLLELEQDASSAKLLNEKDMNKIKEKIRRLCETVHNK
HLDLENITTGHLAMETLLSLTSKRAGDWFKEELRLLGGLDHIVDKVKECVDHLSRDEDEEKLVASLWGAERCLRVLESVT
VHNPENQSYLIAYKDSQLIVSSAKALQHCEELIQQYNRAEDSICLADSKPLPHQNVTNHVGKAVEDCMRAIIGVLLNLTN
DNEWGSTKTGEQDGLIGTALNCVLQVPKYLPQEQRFDIRVLGLGLLINLVEYSARNRHCLVNMETSCSFDSSICSGEGDD
SLRIGGQVHAVQALVQLFLERERAAQLAESKTDELIKDAPTTQHDKSGEWQETSGEIQWVSTEKTDGTEEKHKKEEEDEE
LDLNKALQHAGKHMEDCIVASYTALLLGCLCQESPINVTTVREYLPEGDFSIMTEMLKKFLSFMNLTCAVGTTGQKSISR
VIEYLEHC
;
_entity_poly.pdbx_strand_id   A,B
#
# COMPACT_ATOMS: atom_id res chain seq x y z
N GLY A 1 16.42 -18.18 11.65
CA GLY A 1 15.97 -16.88 12.24
C GLY A 1 16.87 -15.73 11.87
N PRO A 2 16.56 -14.53 12.41
CA PRO A 2 17.31 -13.30 12.13
C PRO A 2 18.78 -13.34 12.56
N LEU A 3 19.10 -14.13 13.58
CA LEU A 3 20.50 -14.27 14.00
C LEU A 3 21.26 -15.21 13.08
N GLY A 4 20.53 -16.15 12.48
CA GLY A 4 21.15 -17.11 11.57
C GLY A 4 21.76 -16.44 10.36
N SER A 5 22.80 -17.07 9.81
CA SER A 5 23.45 -16.56 8.60
C SER A 5 23.64 -17.68 7.60
N GLY A 6 23.44 -17.38 6.32
CA GLY A 6 23.77 -18.29 5.25
C GLY A 6 25.19 -18.03 4.81
N ARG A 7 25.71 -18.83 3.88
CA ARG A 7 27.07 -18.66 3.40
C ARG A 7 27.28 -17.30 2.72
N PRO A 8 26.29 -16.85 1.94
CA PRO A 8 26.45 -15.56 1.24
C PRO A 8 26.70 -14.40 2.19
N GLU A 9 25.95 -14.32 3.29
CA GLU A 9 26.11 -13.25 4.26
C GLU A 9 27.52 -13.25 4.85
N LEU A 10 27.99 -14.42 5.27
CA LEU A 10 29.31 -14.53 5.88
C LEU A 10 30.41 -14.30 4.83
N TYR A 11 30.17 -14.77 3.61
CA TYR A 11 31.14 -14.59 2.54
C TYR A 11 31.36 -13.10 2.29
N THR A 12 30.29 -12.33 2.31
CA THR A 12 30.37 -10.88 2.12
C THR A 12 31.17 -10.24 3.25
N VAL A 13 30.80 -10.53 4.49
CA VAL A 13 31.51 -9.99 5.65
C VAL A 13 33.00 -10.27 5.55
N VAL A 14 33.34 -11.53 5.30
CA VAL A 14 34.74 -11.96 5.28
C VAL A 14 35.50 -11.33 4.10
N GLN A 15 34.87 -11.25 2.95
CA GLN A 15 35.47 -10.61 1.78
C GLN A 15 35.66 -9.12 2.04
N HIS A 16 34.74 -8.54 2.78
CA HIS A 16 34.78 -7.11 3.08
C HIS A 16 36.02 -6.79 3.90
N VAL A 17 36.39 -7.71 4.79
CA VAL A 17 37.54 -7.52 5.67
C VAL A 17 38.85 -7.84 4.94
N LYS A 18 38.95 -9.04 4.38
CA LYS A 18 40.18 -9.51 3.78
C LYS A 18 40.74 -8.54 2.73
N HIS A 19 39.98 -8.27 1.67
CA HIS A 19 40.47 -7.39 0.61
C HIS A 19 39.99 -5.95 0.75
N PHE A 20 39.95 -5.49 2.01
CA PHE A 20 39.87 -4.08 2.35
C PHE A 20 38.82 -3.25 1.60
N ASN A 21 39.29 -2.20 0.92
CA ASN A 21 38.45 -1.05 0.56
C ASN A 21 38.01 -0.31 1.82
N ASP A 22 37.51 -1.05 2.80
CA ASP A 22 37.22 -0.50 4.12
C ASP A 22 38.39 -0.73 5.07
N VAL A 23 39.30 0.23 5.13
CA VAL A 23 40.42 0.18 6.06
C VAL A 23 40.01 0.85 7.36
N VAL A 24 39.51 0.04 8.29
CA VAL A 24 38.80 0.56 9.45
C VAL A 24 39.48 0.22 10.79
N GLU A 25 39.16 1.02 11.81
CA GLU A 25 39.59 0.74 13.17
C GLU A 25 38.40 0.78 14.14
N PHE A 26 38.16 -0.34 14.81
CA PHE A 26 37.13 -0.44 15.83
C PHE A 26 37.49 0.38 17.06
N GLY A 27 38.77 0.65 17.24
CA GLY A 27 39.27 1.34 18.42
C GLY A 27 38.66 2.72 18.60
N GLU A 28 38.32 3.04 19.84
CA GLU A 28 37.73 4.33 20.16
C GLU A 28 38.71 5.47 19.96
N ASN A 29 39.07 5.73 18.70
CA ASN A 29 39.88 6.89 18.37
C ASN A 29 39.19 8.12 18.94
N GLN A 30 39.60 8.54 20.13
CA GLN A 30 38.92 9.63 20.81
C GLN A 30 39.09 10.94 20.05
N GLU A 31 40.10 11.02 19.20
CA GLU A 31 40.25 12.15 18.29
C GLU A 31 38.93 12.37 17.56
N PHE A 32 38.22 11.29 17.28
CA PHE A 32 36.89 11.37 16.69
C PHE A 32 35.93 12.02 17.66
N THR A 33 35.92 11.55 18.91
CA THR A 33 35.04 12.10 19.93
C THR A 33 35.37 13.58 20.17
N ASP A 34 36.59 13.98 19.83
CA ASP A 34 36.97 15.39 19.88
C ASP A 34 36.43 16.10 18.65
N ASP A 35 36.99 15.78 17.49
CA ASP A 35 36.51 16.30 16.21
C ASP A 35 34.98 16.40 16.17
N ILE A 36 34.31 15.40 16.74
CA ILE A 36 32.87 15.27 16.57
C ILE A 36 32.08 16.26 17.44
N GLU A 37 32.52 16.49 18.67
CA GLU A 37 31.83 17.42 19.54
C GLU A 37 32.11 18.86 19.12
N TYR A 38 33.26 19.07 18.50
CA TYR A 38 33.59 20.37 17.94
C TYR A 38 32.72 20.69 16.74
N LEU A 39 32.50 19.68 15.89
CA LEU A 39 31.68 19.85 14.69
C LEU A 39 30.21 19.97 15.02
N LEU A 40 29.72 19.14 15.94
CA LEU A 40 28.33 19.18 16.34
C LEU A 40 27.91 20.56 16.84
N SER A 41 28.84 21.27 17.48
CA SER A 41 28.55 22.60 18.00
C SER A 41 28.46 23.62 16.87
N GLY A 42 29.22 23.39 15.81
CA GLY A 42 29.19 24.28 14.66
C GLY A 42 27.90 24.17 13.86
N LEU A 43 27.12 23.13 14.13
CA LEU A 43 25.90 22.86 13.36
C LEU A 43 24.68 23.56 13.96
N LYS A 44 24.75 23.93 15.23
CA LYS A 44 23.60 24.45 15.95
C LYS A 44 23.03 25.75 15.35
N SER A 45 21.71 25.89 15.48
CA SER A 45 21.01 27.11 15.05
C SER A 45 21.64 28.36 15.64
N THR A 46 22.17 28.24 16.86
CA THR A 46 22.74 29.37 17.60
C THR A 46 23.97 29.95 16.90
N GLN A 47 24.42 29.28 15.85
CA GLN A 47 25.64 29.66 15.15
C GLN A 47 25.28 30.38 13.86
N PRO A 48 26.13 31.32 13.42
CA PRO A 48 25.87 31.95 12.11
C PRO A 48 25.78 30.92 10.99
N LEU A 49 24.99 31.22 9.97
CA LEU A 49 24.66 30.24 8.95
C LEU A 49 25.89 29.73 8.20
N ASN A 50 26.79 30.63 7.83
CA ASN A 50 27.98 30.24 7.08
C ASN A 50 28.90 29.33 7.91
N THR A 51 28.89 29.51 9.23
CA THR A 51 29.65 28.65 10.12
C THR A 51 29.02 27.26 10.12
N ARG A 52 27.70 27.22 10.04
CA ARG A 52 26.97 25.94 10.01
C ARG A 52 27.26 25.19 8.72
N CYS A 53 27.14 25.88 7.58
CA CYS A 53 27.38 25.25 6.29
C CYS A 53 28.76 24.63 6.25
N LEU A 54 29.75 25.36 6.75
CA LEU A 54 31.13 24.90 6.71
C LEU A 54 31.36 23.74 7.67
N SER A 55 30.64 23.77 8.80
CA SER A 55 30.73 22.69 9.76
C SER A 55 30.12 21.41 9.17
N VAL A 56 29.08 21.57 8.36
CA VAL A 56 28.44 20.44 7.70
C VAL A 56 29.36 19.84 6.64
N ILE A 57 29.98 20.70 5.84
CA ILE A 57 30.90 20.23 4.79
C ILE A 57 32.09 19.53 5.42
N SER A 58 32.64 20.13 6.47
CA SER A 58 33.76 19.54 7.19
C SER A 58 33.37 18.19 7.78
N LEU A 59 32.14 18.08 8.26
CA LEU A 59 31.65 16.81 8.79
C LEU A 59 31.44 15.81 7.67
N ALA A 60 31.00 16.30 6.51
CA ALA A 60 30.79 15.44 5.35
C ALA A 60 32.12 14.97 4.80
N THR A 61 33.13 15.82 4.93
CA THR A 61 34.47 15.49 4.43
C THR A 61 35.08 14.35 5.24
N LYS A 62 34.91 14.41 6.55
CA LYS A 62 35.42 13.36 7.43
C LYS A 62 34.63 12.07 7.25
N CYS A 63 33.40 12.21 6.76
CA CYS A 63 32.53 11.05 6.57
C CYS A 63 32.85 10.28 5.29
N ALA A 64 33.79 10.79 4.51
CA ALA A 64 34.31 10.05 3.35
C ALA A 64 35.22 8.94 3.87
N MET A 65 35.49 8.98 5.17
CA MET A 65 36.32 7.99 5.83
C MET A 65 35.43 6.93 6.48
N PRO A 66 35.40 5.71 5.92
CA PRO A 66 34.55 4.64 6.45
C PRO A 66 34.66 4.45 7.97
N SER A 67 35.86 4.63 8.51
CA SER A 67 36.06 4.46 9.94
C SER A 67 35.33 5.56 10.72
N PHE A 68 35.33 6.77 10.17
CA PHE A 68 34.65 7.89 10.80
C PHE A 68 33.14 7.64 10.84
N ARG A 69 32.58 7.32 9.68
CA ARG A 69 31.16 7.00 9.58
C ARG A 69 30.76 5.95 10.60
N MET A 70 31.59 4.92 10.72
CA MET A 70 31.30 3.81 11.61
C MET A 70 31.21 4.28 13.06
N HIS A 71 32.10 5.20 13.43
CA HIS A 71 32.09 5.72 14.79
C HIS A 71 30.92 6.68 14.99
N LEU A 72 30.59 7.45 13.97
CA LEU A 72 29.45 8.36 14.02
C LEU A 72 28.17 7.58 14.27
N ARG A 73 28.01 6.48 13.55
CA ARG A 73 26.80 5.65 13.66
C ARG A 73 26.81 4.77 14.91
N ALA A 74 27.99 4.34 15.32
CA ALA A 74 28.11 3.47 16.49
C ALA A 74 27.77 4.22 17.77
N HIS A 75 27.91 5.54 17.75
CA HIS A 75 27.59 6.37 18.90
C HIS A 75 26.17 6.94 18.81
N GLY A 76 25.45 6.60 17.75
CA GLY A 76 24.06 7.02 17.60
C GLY A 76 23.90 8.52 17.46
N MET A 77 24.79 9.15 16.71
CA MET A 77 24.81 10.61 16.57
C MET A 77 24.09 11.10 15.32
N VAL A 78 23.75 10.19 14.42
CA VAL A 78 23.20 10.58 13.12
C VAL A 78 21.86 11.30 13.25
N ALA A 79 20.92 10.70 13.99
CA ALA A 79 19.62 11.32 14.20
C ALA A 79 19.78 12.69 14.84
N MET A 80 20.75 12.79 15.73
CA MET A 80 21.01 14.02 16.47
C MET A 80 21.60 15.10 15.56
N VAL A 81 22.51 14.69 14.68
CA VAL A 81 23.11 15.60 13.72
C VAL A 81 22.04 16.24 12.85
N PHE A 82 21.06 15.44 12.43
CA PHE A 82 20.02 15.92 11.52
C PHE A 82 18.89 16.64 12.23
N LYS A 83 18.77 16.43 13.54
CA LYS A 83 17.82 17.23 14.30
C LYS A 83 18.34 18.67 14.35
N THR A 84 19.63 18.79 14.58
CA THR A 84 20.29 20.10 14.65
C THR A 84 20.19 20.82 13.30
N LEU A 85 19.99 20.05 12.23
CA LEU A 85 19.90 20.61 10.88
C LEU A 85 18.46 20.62 10.35
N ASP A 86 17.49 20.39 11.22
CA ASP A 86 16.10 20.21 10.77
C ASP A 86 15.44 21.51 10.31
N ASP A 87 16.17 22.62 10.38
CA ASP A 87 15.69 23.89 9.85
C ASP A 87 16.35 24.19 8.51
N SER A 88 17.00 23.19 7.93
CA SER A 88 17.75 23.37 6.69
C SER A 88 16.90 23.85 5.52
N GLN A 89 15.67 23.36 5.44
CA GLN A 89 14.78 23.70 4.33
C GLN A 89 14.56 25.21 4.20
N HIS A 90 14.82 25.95 5.28
CA HIS A 90 14.58 27.39 5.29
C HIS A 90 15.78 28.21 4.79
N HIS A 91 16.90 27.54 4.49
CA HIS A 91 18.08 28.21 3.98
C HIS A 91 18.69 27.41 2.85
N GLN A 92 18.76 28.00 1.67
CA GLN A 92 19.17 27.27 0.47
C GLN A 92 20.63 26.81 0.48
N ASN A 93 21.51 27.59 1.11
CA ASN A 93 22.91 27.20 1.22
C ASN A 93 23.07 26.00 2.16
N LEU A 94 22.54 26.13 3.37
CA LEU A 94 22.62 25.05 4.36
C LEU A 94 21.88 23.81 3.88
N SER A 95 20.84 24.01 3.07
CA SER A 95 20.06 22.89 2.54
C SER A 95 20.88 22.03 1.59
N LEU A 96 21.79 22.67 0.86
CA LEU A 96 22.65 21.96 -0.07
C LEU A 96 23.66 21.11 0.71
N CYS A 97 24.21 21.71 1.77
CA CYS A 97 25.20 21.04 2.59
C CYS A 97 24.58 19.86 3.33
N THR A 98 23.35 20.05 3.83
CA THR A 98 22.68 19.02 4.59
C THR A 98 22.32 17.84 3.69
N ALA A 99 21.86 18.13 2.49
CA ALA A 99 21.54 17.09 1.51
C ALA A 99 22.80 16.32 1.11
N ALA A 100 23.91 17.04 0.96
CA ALA A 100 25.18 16.42 0.60
C ALA A 100 25.68 15.49 1.71
N LEU A 101 25.51 15.91 2.95
CA LEU A 101 25.96 15.12 4.09
C LEU A 101 25.24 13.78 4.17
N MET A 102 23.92 13.78 4.03
CA MET A 102 23.15 12.55 4.16
C MET A 102 23.39 11.63 2.97
N TYR A 103 23.63 12.22 1.80
CA TYR A 103 23.94 11.42 0.62
C TYR A 103 25.21 10.60 0.88
N ILE A 104 26.28 11.27 1.27
CA ILE A 104 27.53 10.61 1.63
C ILE A 104 27.30 9.55 2.69
N LEU A 105 26.56 9.90 3.74
CA LEU A 105 26.29 8.95 4.82
C LEU A 105 25.51 7.73 4.31
N SER A 106 24.67 7.94 3.31
CA SER A 106 23.79 6.88 2.83
C SER A 106 24.54 5.83 2.01
N ARG A 107 25.85 5.99 1.90
CA ARG A 107 26.67 4.95 1.30
C ARG A 107 26.48 3.66 2.09
N ASP A 108 26.36 3.81 3.40
CA ASP A 108 26.12 2.68 4.30
C ASP A 108 24.62 2.45 4.47
N ARG A 109 24.27 1.38 5.16
CA ARG A 109 22.87 1.10 5.48
C ARG A 109 22.48 1.82 6.77
N LEU A 110 21.52 2.73 6.66
CA LEU A 110 21.18 3.61 7.76
C LEU A 110 19.92 3.19 8.50
N ASN A 111 19.52 1.93 8.35
CA ASN A 111 18.33 1.41 8.99
C ASN A 111 18.26 1.77 10.47
N MET A 112 19.39 1.67 11.16
CA MET A 112 19.44 1.83 12.61
C MET A 112 19.81 3.25 13.01
N ASP A 113 20.09 4.11 12.04
CA ASP A 113 20.68 5.42 12.35
C ASP A 113 19.77 6.60 12.02
N LEU A 114 19.10 6.56 10.87
CA LEU A 114 18.15 7.61 10.52
C LEU A 114 16.83 7.38 11.26
N ASP A 115 16.24 8.46 11.76
CA ASP A 115 14.91 8.40 12.34
C ASP A 115 13.90 9.05 11.39
N ARG A 116 12.64 9.01 11.79
CA ARG A 116 11.56 9.57 11.00
C ARG A 116 11.77 11.04 10.67
N ALA A 117 12.21 11.80 11.66
CA ALA A 117 12.40 13.23 11.52
C ALA A 117 13.42 13.53 10.42
N SER A 118 14.56 12.86 10.48
CA SER A 118 15.62 13.08 9.51
C SER A 118 15.16 12.66 8.12
N LEU A 119 14.27 11.67 8.08
CA LEU A 119 13.74 11.19 6.82
C LEU A 119 12.76 12.22 6.24
N ASP A 120 11.94 12.80 7.11
CA ASP A 120 11.01 13.85 6.70
C ASP A 120 11.78 15.09 6.23
N LEU A 121 12.90 15.38 6.88
CA LEU A 121 13.74 16.49 6.49
C LEU A 121 14.18 16.32 5.04
N MET A 122 14.69 15.15 4.71
CA MET A 122 15.22 14.90 3.37
C MET A 122 14.12 14.99 2.32
N ILE A 123 12.89 14.64 2.69
CA ILE A 123 11.75 14.77 1.79
C ILE A 123 11.42 16.24 1.58
N ARG A 124 11.51 17.04 2.64
CA ARG A 124 11.33 18.48 2.53
C ARG A 124 12.38 19.10 1.62
N LEU A 125 13.62 18.65 1.74
CA LEU A 125 14.71 19.17 0.93
C LEU A 125 14.50 18.82 -0.54
N LEU A 126 13.78 17.72 -0.78
CA LEU A 126 13.48 17.28 -2.13
C LEU A 126 12.36 18.13 -2.74
N GLU A 127 11.46 18.61 -1.89
CA GLU A 127 10.32 19.40 -2.34
C GLU A 127 10.68 20.87 -2.51
N LEU A 128 11.86 21.25 -2.04
CA LEU A 128 12.27 22.66 -2.00
C LEU A 128 12.34 23.31 -3.38
N GLU A 129 11.93 24.56 -3.45
CA GLU A 129 12.05 25.35 -4.67
C GLU A 129 12.72 26.69 -4.37
N GLN A 130 13.35 27.28 -5.38
CA GLN A 130 13.93 28.61 -5.25
C GLN A 130 12.90 29.67 -5.58
N LEU A 138 24.82 35.63 -4.75
CA LEU A 138 25.13 36.71 -3.83
C LEU A 138 26.42 36.41 -3.06
N ASN A 139 26.62 35.13 -2.75
CA ASN A 139 27.83 34.66 -2.11
C ASN A 139 28.39 33.51 -2.95
N GLU A 140 28.79 33.84 -4.17
CA GLU A 140 28.92 32.86 -5.23
C GLU A 140 30.26 32.12 -5.29
N LYS A 141 31.37 32.85 -5.33
CA LYS A 141 32.65 32.25 -5.70
C LYS A 141 33.22 31.26 -4.68
N ASP A 142 32.70 31.25 -3.45
CA ASP A 142 33.08 30.23 -2.49
C ASP A 142 31.94 29.27 -2.17
N MET A 143 30.81 29.45 -2.84
CA MET A 143 29.77 28.43 -2.87
C MET A 143 30.16 27.41 -3.93
N ASN A 144 30.84 27.89 -4.96
CA ASN A 144 31.38 27.01 -6.01
C ASN A 144 32.51 26.15 -5.47
N LYS A 145 33.33 26.70 -4.58
CA LYS A 145 34.38 25.94 -3.95
C LYS A 145 33.78 24.86 -3.06
N ILE A 146 32.63 25.17 -2.47
CA ILE A 146 31.90 24.20 -1.65
C ILE A 146 31.25 23.14 -2.55
N LYS A 147 30.69 23.57 -3.67
CA LYS A 147 30.08 22.66 -4.63
C LYS A 147 31.11 21.70 -5.20
N GLU A 148 32.30 22.24 -5.53
CA GLU A 148 33.38 21.43 -6.07
C GLU A 148 33.83 20.40 -5.04
N LYS A 149 33.89 20.84 -3.78
CA LYS A 149 34.27 19.96 -2.69
C LYS A 149 33.26 18.83 -2.52
N ILE A 150 31.99 19.16 -2.68
CA ILE A 150 30.92 18.17 -2.58
C ILE A 150 30.98 17.17 -3.73
N ARG A 151 31.24 17.68 -4.93
CA ARG A 151 31.36 16.84 -6.12
C ARG A 151 32.46 15.80 -5.95
N ARG A 152 33.60 16.22 -5.43
CA ARG A 152 34.73 15.32 -5.23
C ARG A 152 34.42 14.25 -4.18
N LEU A 153 33.66 14.64 -3.17
CA LEU A 153 33.23 13.69 -2.14
C LEU A 153 32.29 12.65 -2.74
N CYS A 154 31.41 13.08 -3.63
CA CYS A 154 30.46 12.19 -4.27
C CYS A 154 31.18 11.13 -5.09
N GLU A 155 32.17 11.55 -5.87
CA GLU A 155 32.98 10.63 -6.66
C GLU A 155 33.69 9.62 -5.76
N THR A 156 34.34 10.13 -4.73
CA THR A 156 35.12 9.30 -3.81
C THR A 156 34.26 8.27 -3.09
N VAL A 157 33.11 8.71 -2.59
CA VAL A 157 32.29 7.87 -1.71
C VAL A 157 31.34 6.96 -2.49
N HIS A 158 30.78 7.46 -3.58
CA HIS A 158 29.75 6.72 -4.31
C HIS A 158 30.17 6.31 -5.71
N ASN A 159 31.35 6.74 -6.15
CA ASN A 159 31.77 6.50 -7.52
C ASN A 159 30.82 7.22 -8.46
N LYS A 160 30.20 8.28 -7.94
CA LYS A 160 29.18 9.03 -8.66
C LYS A 160 29.74 10.36 -9.15
N HIS A 161 29.78 10.54 -10.47
CA HIS A 161 30.31 11.76 -11.06
C HIS A 161 29.18 12.70 -11.47
N LEU A 162 29.08 13.82 -10.79
CA LEU A 162 28.05 14.82 -11.07
C LEU A 162 28.68 16.08 -11.65
N ASP A 163 27.96 16.71 -12.57
CA ASP A 163 28.36 18.01 -13.09
C ASP A 163 28.06 19.06 -12.02
N LEU A 164 28.89 20.09 -11.93
CA LEU A 164 28.68 21.15 -10.93
C LEU A 164 27.30 21.78 -11.05
N GLU A 165 26.74 21.76 -12.26
CA GLU A 165 25.41 22.28 -12.50
C GLU A 165 24.34 21.42 -11.81
N ASN A 166 24.75 20.22 -11.38
CA ASN A 166 23.84 19.30 -10.71
C ASN A 166 24.14 19.15 -9.22
N ILE A 167 25.13 19.89 -8.72
CA ILE A 167 25.39 19.94 -7.29
C ILE A 167 24.39 20.93 -6.68
N THR A 168 23.12 20.55 -6.72
CA THR A 168 22.06 21.36 -6.14
C THR A 168 21.37 20.57 -5.05
N THR A 169 20.41 21.20 -4.36
CA THR A 169 19.71 20.54 -3.26
C THR A 169 18.75 19.49 -3.78
N GLY A 170 18.02 19.82 -4.84
CA GLY A 170 17.08 18.90 -5.43
C GLY A 170 17.76 17.64 -5.92
N HIS A 171 18.94 17.80 -6.52
CA HIS A 171 19.69 16.67 -7.03
C HIS A 171 20.22 15.80 -5.89
N LEU A 172 20.82 16.42 -4.88
CA LEU A 172 21.46 15.68 -3.81
C LEU A 172 20.45 15.02 -2.88
N ALA A 173 19.30 15.65 -2.71
CA ALA A 173 18.22 15.04 -1.94
C ALA A 173 17.68 13.84 -2.70
N MET A 174 17.57 13.98 -4.03
CA MET A 174 17.10 12.89 -4.86
C MET A 174 18.07 11.71 -4.80
N GLU A 175 19.36 12.00 -4.96
CA GLU A 175 20.38 10.96 -4.93
C GLU A 175 20.40 10.25 -3.57
N THR A 176 20.11 11.01 -2.53
CA THR A 176 20.05 10.46 -1.18
C THR A 176 18.91 9.46 -1.07
N LEU A 177 17.74 9.86 -1.58
CA LEU A 177 16.55 9.02 -1.50
C LEU A 177 16.65 7.81 -2.43
N LEU A 178 17.38 7.94 -3.54
CA LEU A 178 17.64 6.81 -4.41
C LEU A 178 18.62 5.86 -3.73
N SER A 179 19.62 6.42 -3.07
CA SER A 179 20.63 5.63 -2.38
C SER A 179 20.03 4.88 -1.18
N LEU A 180 19.06 5.51 -0.51
CA LEU A 180 18.41 4.88 0.62
C LEU A 180 17.46 3.75 0.19
N THR A 181 17.03 3.77 -1.07
CA THR A 181 16.05 2.80 -1.55
C THR A 181 16.58 1.95 -2.71
N SER A 182 17.90 1.87 -2.82
CA SER A 182 18.52 1.04 -3.86
C SER A 182 18.58 -0.42 -3.42
N LYS A 183 19.08 -1.29 -4.29
CA LYS A 183 19.29 -2.69 -3.96
C LYS A 183 20.26 -2.80 -2.78
N ARG A 184 21.35 -2.04 -2.84
CA ARG A 184 22.37 -2.05 -1.80
C ARG A 184 21.76 -1.78 -0.42
N ALA A 185 20.77 -0.91 -0.38
CA ALA A 185 20.19 -0.45 0.89
C ALA A 185 19.24 -1.48 1.48
N GLY A 186 18.61 -2.28 0.63
CA GLY A 186 17.59 -3.21 1.06
C GLY A 186 16.22 -2.58 0.93
N ASP A 187 15.28 -3.00 1.77
CA ASP A 187 13.89 -2.57 1.62
C ASP A 187 13.40 -1.70 2.77
N TRP A 188 14.22 -1.52 3.80
CA TRP A 188 13.79 -0.79 5.00
C TRP A 188 13.12 0.54 4.65
N PHE A 189 13.80 1.37 3.87
CA PHE A 189 13.31 2.73 3.61
C PHE A 189 12.23 2.78 2.54
N LYS A 190 12.22 1.81 1.64
CA LYS A 190 11.09 1.66 0.72
C LYS A 190 9.82 1.48 1.54
N GLU A 191 9.94 0.73 2.63
CA GLU A 191 8.82 0.46 3.52
C GLU A 191 8.46 1.67 4.37
N GLU A 192 9.48 2.31 4.94
CA GLU A 192 9.25 3.41 5.88
C GLU A 192 8.66 4.64 5.19
N LEU A 193 9.09 4.91 3.97
CA LEU A 193 8.57 6.04 3.21
C LEU A 193 7.06 5.94 3.01
N ARG A 194 6.56 4.72 2.88
CA ARG A 194 5.13 4.49 2.73
C ARG A 194 4.41 4.67 4.06
N LEU A 195 4.88 3.93 5.06
CA LEU A 195 4.15 3.78 6.32
C LEU A 195 4.09 5.06 7.14
N LEU A 196 5.03 5.96 6.90
CA LEU A 196 5.11 7.19 7.69
C LEU A 196 4.77 8.44 6.88
N GLY A 197 4.11 8.25 5.74
CA GLY A 197 3.52 9.35 5.00
C GLY A 197 4.42 9.98 3.96
N GLY A 198 5.65 9.51 3.87
CA GLY A 198 6.62 10.07 2.94
C GLY A 198 6.13 10.10 1.50
N LEU A 199 5.59 8.98 1.03
CA LEU A 199 5.15 8.87 -0.36
C LEU A 199 3.95 9.79 -0.63
N ASP A 200 3.15 10.08 0.39
CA ASP A 200 2.02 11.00 0.24
C ASP A 200 2.53 12.36 -0.22
N HIS A 201 3.62 12.81 0.40
CA HIS A 201 4.15 14.14 0.16
C HIS A 201 4.84 14.22 -1.20
N ILE A 202 5.51 13.15 -1.59
CA ILE A 202 6.20 13.13 -2.88
C ILE A 202 5.17 13.16 -4.02
N VAL A 203 4.04 12.48 -3.83
CA VAL A 203 2.97 12.49 -4.83
C VAL A 203 2.33 13.88 -4.92
N ASP A 204 2.04 14.46 -3.76
CA ASP A 204 1.45 15.79 -3.71
C ASP A 204 2.34 16.80 -4.44
N LYS A 205 3.64 16.65 -4.29
CA LYS A 205 4.60 17.51 -4.95
C LYS A 205 4.55 17.31 -6.46
N VAL A 206 4.40 16.06 -6.89
CA VAL A 206 4.26 15.76 -8.31
C VAL A 206 3.02 16.45 -8.88
N LYS A 207 1.96 16.50 -8.09
CA LYS A 207 0.72 17.12 -8.53
C LYS A 207 0.88 18.64 -8.68
N GLU A 208 1.52 19.27 -7.71
CA GLU A 208 1.77 20.69 -7.77
C GLU A 208 2.49 21.03 -9.07
N CYS A 209 3.64 20.39 -9.28
CA CYS A 209 4.48 20.67 -10.44
C CYS A 209 3.73 20.45 -11.76
N VAL A 210 2.97 19.37 -11.83
CA VAL A 210 2.26 19.01 -13.05
C VAL A 210 1.13 19.99 -13.34
N ASP A 211 0.57 20.57 -12.29
CA ASP A 211 -0.49 21.56 -12.44
C ASP A 211 0.06 22.89 -12.98
N HIS A 212 1.37 23.10 -12.85
CA HIS A 212 2.00 24.32 -13.33
C HIS A 212 2.38 24.24 -14.81
N LEU A 213 2.44 23.02 -15.35
CA LEU A 213 2.64 22.85 -16.79
C LEU A 213 1.39 23.26 -17.54
N SER A 214 0.24 23.03 -16.91
CA SER A 214 -1.05 23.30 -17.53
C SER A 214 -1.22 24.79 -17.80
N ARG A 215 -0.65 25.61 -16.92
CA ARG A 215 -0.61 27.05 -17.13
C ARG A 215 0.45 27.35 -18.19
N ASP A 216 0.62 28.62 -18.52
CA ASP A 216 1.70 29.04 -19.40
C ASP A 216 2.75 29.75 -18.58
N GLU A 217 4.01 29.35 -18.75
CA GLU A 217 5.09 29.82 -17.89
C GLU A 217 6.39 30.00 -18.65
N ASP A 218 7.30 30.79 -18.06
CA ASP A 218 8.58 31.09 -18.70
C ASP A 218 9.57 29.95 -18.52
N GLU A 219 10.66 30.00 -19.29
CA GLU A 219 11.68 28.95 -19.26
C GLU A 219 12.00 28.48 -17.85
N GLU A 220 12.42 29.41 -16.99
CA GLU A 220 12.82 29.06 -15.63
C GLU A 220 11.73 28.31 -14.87
N LYS A 221 10.51 28.83 -14.89
CA LYS A 221 9.39 28.21 -14.17
C LYS A 221 8.98 26.88 -14.80
N LEU A 222 9.14 26.76 -16.11
CA LEU A 222 8.77 25.54 -16.83
C LEU A 222 9.74 24.42 -16.49
N VAL A 223 11.04 24.70 -16.60
CA VAL A 223 12.07 23.75 -16.28
C VAL A 223 12.00 23.31 -14.82
N ALA A 224 11.62 24.24 -13.94
CA ALA A 224 11.52 23.94 -12.52
C ALA A 224 10.33 23.02 -12.24
N SER A 225 9.22 23.27 -12.94
CA SER A 225 8.06 22.41 -12.83
C SER A 225 8.41 20.99 -13.28
N LEU A 226 8.97 20.88 -14.47
CA LEU A 226 9.34 19.59 -15.03
C LEU A 226 10.32 18.84 -14.14
N TRP A 227 11.40 19.53 -13.75
CA TRP A 227 12.43 18.94 -12.92
C TRP A 227 11.89 18.60 -11.54
N GLY A 228 10.91 19.37 -11.07
CA GLY A 228 10.26 19.10 -9.81
C GLY A 228 9.51 17.78 -9.88
N ALA A 229 8.81 17.56 -10.98
CA ALA A 229 8.08 16.31 -11.19
C ALA A 229 9.04 15.13 -11.32
N GLU A 230 10.07 15.29 -12.16
CA GLU A 230 11.00 14.21 -12.46
C GLU A 230 11.71 13.72 -11.20
N ARG A 231 12.40 14.66 -10.55
CA ARG A 231 13.02 14.43 -9.24
C ARG A 231 12.19 13.48 -8.38
N CYS A 232 10.91 13.81 -8.24
CA CYS A 232 10.01 13.05 -7.39
C CYS A 232 9.60 11.73 -8.02
N LEU A 233 9.34 11.76 -9.31
CA LEU A 233 8.93 10.57 -10.04
C LEU A 233 10.00 9.48 -9.97
N ARG A 234 11.26 9.90 -10.00
CA ARG A 234 12.37 8.95 -9.99
C ARG A 234 12.48 8.23 -8.64
N VAL A 235 12.12 8.93 -7.58
CA VAL A 235 12.08 8.31 -6.25
C VAL A 235 10.89 7.36 -6.17
N LEU A 236 9.78 7.74 -6.78
CA LEU A 236 8.58 6.90 -6.81
C LEU A 236 8.81 5.65 -7.67
N GLU A 237 9.62 5.79 -8.72
CA GLU A 237 9.99 4.63 -9.54
C GLU A 237 10.83 3.68 -8.71
N SER A 238 11.80 4.23 -7.99
CA SER A 238 12.71 3.45 -7.17
C SER A 238 11.97 2.60 -6.13
N VAL A 239 11.11 3.25 -5.35
CA VAL A 239 10.43 2.57 -4.23
C VAL A 239 9.44 1.51 -4.70
N THR A 240 9.13 1.47 -6.00
CA THR A 240 8.16 0.50 -6.51
C THR A 240 8.83 -0.70 -7.17
N VAL A 241 10.16 -0.65 -7.33
CA VAL A 241 10.90 -1.79 -7.84
C VAL A 241 10.76 -2.97 -6.87
N HIS A 242 10.23 -4.08 -7.37
CA HIS A 242 10.07 -5.29 -6.56
C HIS A 242 9.33 -4.99 -5.26
N ASN A 243 8.38 -4.06 -5.31
CA ASN A 243 7.61 -3.70 -4.13
C ASN A 243 6.14 -3.49 -4.47
N PRO A 244 5.37 -4.59 -4.59
CA PRO A 244 3.93 -4.57 -4.85
C PRO A 244 3.15 -3.68 -3.89
N GLU A 245 3.55 -3.66 -2.62
CA GLU A 245 2.89 -2.81 -1.63
C GLU A 245 2.92 -1.36 -2.07
N ASN A 246 4.10 -0.86 -2.39
CA ASN A 246 4.26 0.53 -2.81
C ASN A 246 3.53 0.83 -4.12
N GLN A 247 3.51 -0.15 -5.02
CA GLN A 247 2.77 0.00 -6.27
C GLN A 247 1.30 0.16 -5.92
N SER A 248 0.82 -0.69 -5.02
CA SER A 248 -0.57 -0.70 -4.61
C SER A 248 -0.94 0.61 -3.92
N TYR A 249 -0.06 1.05 -3.02
CA TYR A 249 -0.31 2.26 -2.25
C TYR A 249 -0.39 3.49 -3.15
N LEU A 250 0.49 3.55 -4.15
CA LEU A 250 0.54 4.69 -5.05
C LEU A 250 -0.61 4.68 -6.05
N ILE A 251 -1.18 3.50 -6.29
CA ILE A 251 -2.35 3.40 -7.15
C ILE A 251 -3.61 3.82 -6.40
N ALA A 252 -3.61 3.63 -5.08
CA ALA A 252 -4.78 3.93 -4.26
C ALA A 252 -4.78 5.38 -3.77
N TYR A 253 -3.61 5.88 -3.38
CA TYR A 253 -3.49 7.18 -2.74
C TYR A 253 -4.26 8.31 -3.44
N LYS A 254 -5.04 9.05 -2.67
CA LYS A 254 -5.81 10.19 -3.17
C LYS A 254 -6.46 9.93 -4.52
N ASP A 255 -7.28 8.89 -4.57
CA ASP A 255 -8.03 8.57 -5.78
C ASP A 255 -7.09 8.47 -6.98
N SER A 256 -5.98 7.76 -6.79
CA SER A 256 -5.02 7.54 -7.87
C SER A 256 -4.47 8.86 -8.39
N GLN A 257 -4.08 9.75 -7.47
CA GLN A 257 -3.58 11.06 -7.85
C GLN A 257 -2.32 10.95 -8.70
N LEU A 258 -1.44 10.02 -8.35
CA LEU A 258 -0.18 9.87 -9.07
C LEU A 258 -0.41 9.55 -10.55
N ILE A 259 -1.32 8.61 -10.80
CA ILE A 259 -1.62 8.18 -12.15
C ILE A 259 -2.37 9.26 -12.92
N VAL A 260 -3.31 9.92 -12.25
CA VAL A 260 -4.05 11.02 -12.86
C VAL A 260 -3.11 12.14 -13.28
N SER A 261 -2.21 12.52 -12.37
CA SER A 261 -1.24 13.57 -12.65
C SER A 261 -0.22 13.13 -13.70
N SER A 262 0.20 11.87 -13.61
CA SER A 262 1.20 11.34 -14.55
C SER A 262 0.69 11.38 -15.98
N ALA A 263 -0.57 10.99 -16.18
CA ALA A 263 -1.17 10.99 -17.51
C ALA A 263 -1.24 12.40 -18.10
N LYS A 264 -1.69 13.36 -17.30
CA LYS A 264 -1.74 14.75 -17.73
C LYS A 264 -0.34 15.24 -18.09
N ALA A 265 0.61 14.97 -17.21
CA ALA A 265 2.00 15.38 -17.41
C ALA A 265 2.55 14.84 -18.73
N LEU A 266 2.30 13.55 -18.98
CA LEU A 266 2.83 12.92 -20.19
C LEU A 266 2.28 13.63 -21.43
N GLN A 267 1.05 14.09 -21.33
CA GLN A 267 0.38 14.75 -22.45
C GLN A 267 0.95 16.15 -22.68
N HIS A 268 1.11 16.90 -21.60
CA HIS A 268 1.76 18.21 -21.68
C HIS A 268 3.13 18.06 -22.30
N CYS A 269 3.86 17.03 -21.85
CA CYS A 269 5.21 16.78 -22.34
C CYS A 269 5.19 16.47 -23.83
N GLU A 270 4.21 15.69 -24.28
CA GLU A 270 4.07 15.38 -25.70
C GLU A 270 3.96 16.65 -26.52
N GLU A 271 3.25 17.64 -25.97
CA GLU A 271 3.06 18.91 -26.65
C GLU A 271 4.31 19.78 -26.55
N LEU A 272 4.84 19.90 -25.34
CA LEU A 272 5.99 20.75 -25.07
C LEU A 272 7.20 20.33 -25.91
N ILE A 273 7.36 19.03 -26.14
CA ILE A 273 8.56 18.54 -26.81
C ILE A 273 8.63 19.02 -28.26
N GLN A 274 7.46 19.21 -28.87
CA GLN A 274 7.39 19.76 -30.22
C GLN A 274 7.88 21.20 -30.22
N GLN A 275 7.59 21.90 -29.13
CA GLN A 275 7.95 23.31 -28.99
C GLN A 275 9.47 23.51 -28.86
N TYR A 276 10.17 22.48 -28.37
CA TYR A 276 11.61 22.58 -28.16
C TYR A 276 12.37 21.46 -28.87
N ASN A 277 12.16 21.38 -30.18
CA ASN A 277 12.80 20.41 -31.05
C ASN A 277 14.33 20.48 -30.99
N ARG A 278 14.96 19.32 -30.82
CA ARG A 278 16.41 19.22 -30.88
C ARG A 278 16.87 18.20 -31.93
N ALA A 279 15.92 17.76 -32.76
CA ALA A 279 16.25 16.83 -33.83
C ALA A 279 17.26 17.47 -34.77
N GLU A 280 18.31 16.71 -35.10
CA GLU A 280 19.39 17.23 -35.94
C GLU A 280 19.12 16.99 -37.42
N ASP A 281 18.18 16.10 -37.71
CA ASP A 281 17.75 15.85 -39.09
C ASP A 281 16.42 16.54 -39.34
N SER A 282 16.23 17.71 -38.74
CA SER A 282 14.96 18.42 -38.83
C SER A 282 15.12 19.87 -39.26
N ILE A 283 14.01 20.49 -39.63
CA ILE A 283 13.99 21.88 -40.06
C ILE A 283 12.69 22.53 -39.59
N CYS A 284 12.75 23.21 -38.45
CA CYS A 284 11.57 23.85 -37.88
C CYS A 284 11.22 25.14 -38.63
N LEU A 285 9.96 25.23 -39.03
CA LEU A 285 9.47 26.37 -39.81
C LEU A 285 9.36 27.64 -38.98
N ALA A 286 8.91 27.48 -37.74
CA ALA A 286 8.55 28.62 -36.90
C ALA A 286 9.77 29.37 -36.39
N ASP A 287 9.74 30.69 -36.53
CA ASP A 287 10.77 31.54 -35.97
C ASP A 287 10.51 31.68 -34.46
N SER A 288 9.30 31.34 -34.04
CA SER A 288 8.93 31.37 -32.64
C SER A 288 9.54 30.20 -31.89
N LYS A 289 9.75 29.08 -32.60
CA LYS A 289 10.38 27.92 -32.00
C LYS A 289 11.90 28.09 -31.93
N PRO A 290 12.49 27.85 -30.76
CA PRO A 290 13.94 27.94 -30.57
C PRO A 290 14.73 27.08 -31.56
N LEU A 291 15.91 27.52 -31.96
CA LEU A 291 16.77 26.75 -32.85
C LEU A 291 17.35 25.55 -32.09
N PRO A 292 17.77 24.51 -32.83
CA PRO A 292 18.18 23.25 -32.19
C PRO A 292 19.48 23.34 -31.40
N HIS A 293 20.21 24.44 -31.52
CA HIS A 293 21.52 24.56 -30.89
C HIS A 293 21.57 25.62 -29.80
N GLN A 294 20.44 26.25 -29.52
CA GLN A 294 20.38 27.27 -28.47
C GLN A 294 20.45 26.64 -27.10
N ASN A 295 20.93 27.41 -26.12
CA ASN A 295 20.96 26.96 -24.73
C ASN A 295 19.56 26.65 -24.24
N VAL A 296 18.61 27.53 -24.58
CA VAL A 296 17.22 27.38 -24.17
C VAL A 296 16.67 26.04 -24.62
N THR A 297 16.96 25.69 -25.88
CA THR A 297 16.38 24.52 -26.51
C THR A 297 16.91 23.22 -25.91
N ASN A 298 18.20 23.17 -25.64
CA ASN A 298 18.83 21.98 -25.08
C ASN A 298 18.65 21.89 -23.57
N HIS A 299 18.10 22.96 -22.99
CA HIS A 299 17.89 23.05 -21.55
C HIS A 299 16.46 22.62 -21.23
N VAL A 300 15.50 23.15 -21.98
CA VAL A 300 14.10 22.81 -21.79
C VAL A 300 13.77 21.47 -22.43
N GLY A 301 14.16 21.30 -23.69
CA GLY A 301 13.90 20.07 -24.39
C GLY A 301 14.42 18.85 -23.65
N LYS A 302 15.64 18.95 -23.13
CA LYS A 302 16.23 17.87 -22.34
C LYS A 302 15.43 17.67 -21.06
N ALA A 303 14.90 18.76 -20.51
CA ALA A 303 14.12 18.70 -19.28
C ALA A 303 12.77 18.03 -19.52
N VAL A 304 12.21 18.26 -20.70
CA VAL A 304 10.93 17.66 -21.06
C VAL A 304 11.10 16.17 -21.30
N GLU A 305 12.14 15.81 -22.04
CA GLU A 305 12.43 14.41 -22.34
C GLU A 305 12.65 13.63 -21.04
N ASP A 306 13.51 14.17 -20.17
CA ASP A 306 13.85 13.50 -18.92
C ASP A 306 12.62 13.28 -18.04
N CYS A 307 11.69 14.23 -18.08
CA CYS A 307 10.45 14.11 -17.33
C CYS A 307 9.58 13.00 -17.90
N MET A 308 9.50 12.96 -19.23
CA MET A 308 8.76 11.90 -19.92
C MET A 308 9.26 10.51 -19.51
N ARG A 309 10.56 10.30 -19.63
CA ARG A 309 11.16 9.01 -19.27
C ARG A 309 10.84 8.63 -17.82
N ALA A 310 10.72 9.64 -16.97
CA ALA A 310 10.42 9.41 -15.57
C ALA A 310 8.95 9.04 -15.38
N ILE A 311 8.07 9.75 -16.08
CA ILE A 311 6.63 9.48 -16.01
C ILE A 311 6.34 8.04 -16.44
N ILE A 312 6.85 7.68 -17.61
CA ILE A 312 6.60 6.34 -18.15
C ILE A 312 7.23 5.27 -17.26
N GLY A 313 8.38 5.57 -16.68
CA GLY A 313 9.04 4.63 -15.79
C GLY A 313 8.14 4.27 -14.63
N VAL A 314 7.51 5.27 -14.03
CA VAL A 314 6.59 5.05 -12.93
C VAL A 314 5.37 4.27 -13.40
N LEU A 315 4.80 4.68 -14.53
CA LEU A 315 3.62 4.01 -15.06
C LEU A 315 3.90 2.54 -15.38
N LEU A 316 5.10 2.25 -15.86
CA LEU A 316 5.49 0.87 -16.13
C LEU A 316 5.44 0.05 -14.83
N ASN A 317 6.03 0.60 -13.78
CA ASN A 317 6.07 -0.09 -12.49
C ASN A 317 4.68 -0.28 -11.88
N LEU A 318 3.76 0.63 -12.19
CA LEU A 318 2.40 0.54 -11.64
C LEU A 318 1.49 -0.37 -12.47
N THR A 319 1.86 -0.63 -13.71
CA THR A 319 1.01 -1.40 -14.62
C THR A 319 1.63 -2.73 -15.03
N ASN A 320 2.88 -2.97 -14.64
CA ASN A 320 3.59 -4.20 -15.00
C ASN A 320 2.82 -5.46 -14.60
N ASP A 321 2.63 -5.64 -13.30
CA ASP A 321 1.91 -6.81 -12.78
C ASP A 321 0.54 -6.44 -12.21
N ASN A 322 0.37 -5.18 -11.83
CA ASN A 322 -0.85 -4.75 -11.16
C ASN A 322 -1.92 -4.29 -12.14
N GLU A 323 -3.05 -4.96 -12.13
CA GLU A 323 -4.08 -4.74 -13.14
C GLU A 323 -5.06 -3.63 -12.80
N TRP A 324 -5.19 -3.28 -11.51
CA TRP A 324 -5.91 -2.07 -11.15
C TRP A 324 -5.12 -0.86 -11.62
N GLY A 325 -3.79 -0.95 -11.53
CA GLY A 325 -2.92 0.08 -12.06
C GLY A 325 -3.12 0.26 -13.56
N SER A 326 -3.13 -0.86 -14.28
CA SER A 326 -3.34 -0.85 -15.72
C SER A 326 -4.72 -0.32 -16.08
N THR A 327 -5.72 -0.75 -15.32
CA THR A 327 -7.09 -0.30 -15.53
C THR A 327 -7.20 1.20 -15.29
N LYS A 328 -6.67 1.65 -14.15
CA LYS A 328 -6.78 3.05 -13.76
C LYS A 328 -5.96 3.94 -14.69
N THR A 329 -4.82 3.44 -15.14
CA THR A 329 -3.94 4.18 -16.03
C THR A 329 -4.57 4.33 -17.42
N GLY A 330 -5.18 3.25 -17.91
CA GLY A 330 -5.81 3.26 -19.22
C GLY A 330 -7.03 4.15 -19.30
N GLU A 331 -7.68 4.36 -18.16
CA GLU A 331 -8.90 5.17 -18.10
C GLU A 331 -8.63 6.67 -18.18
N GLN A 332 -7.39 7.07 -17.92
CA GLN A 332 -7.04 8.49 -17.99
C GLN A 332 -7.22 9.01 -19.41
N ASP A 333 -8.06 10.03 -19.54
CA ASP A 333 -8.35 10.61 -20.85
C ASP A 333 -7.08 10.82 -21.67
N GLY A 334 -7.02 10.15 -22.82
CA GLY A 334 -6.00 10.40 -23.81
C GLY A 334 -4.65 9.74 -23.57
N LEU A 335 -4.50 9.00 -22.48
CA LEU A 335 -3.20 8.42 -22.18
C LEU A 335 -2.79 7.38 -23.22
N ILE A 336 -3.63 6.36 -23.42
CA ILE A 336 -3.34 5.34 -24.41
C ILE A 336 -2.96 5.98 -25.74
N GLY A 337 -3.67 7.06 -26.09
CA GLY A 337 -3.36 7.80 -27.28
C GLY A 337 -2.00 8.48 -27.20
N THR A 338 -1.71 9.04 -26.03
CA THR A 338 -0.44 9.73 -25.81
C THR A 338 0.71 8.73 -25.79
N ALA A 339 0.46 7.55 -25.23
CA ALA A 339 1.48 6.51 -25.18
C ALA A 339 1.85 6.08 -26.59
N LEU A 340 0.83 5.91 -27.43
CA LEU A 340 1.04 5.54 -28.82
C LEU A 340 1.82 6.62 -29.55
N ASN A 341 1.49 7.87 -29.27
CA ASN A 341 2.19 9.02 -29.84
C ASN A 341 3.65 9.08 -29.39
N CYS A 342 3.91 8.61 -28.18
CA CYS A 342 5.28 8.59 -27.65
C CYS A 342 6.15 7.68 -28.51
N VAL A 343 5.52 6.71 -29.14
CA VAL A 343 6.23 5.78 -30.01
C VAL A 343 6.31 6.30 -31.44
N LEU A 344 5.18 6.75 -31.96
CA LEU A 344 5.08 7.11 -33.38
C LEU A 344 5.48 8.54 -33.68
N GLN A 345 5.21 9.46 -32.76
CA GLN A 345 5.40 10.89 -33.04
C GLN A 345 6.56 11.54 -32.28
N VAL A 346 6.58 11.38 -30.96
CA VAL A 346 7.53 12.10 -30.13
C VAL A 346 8.99 12.00 -30.62
N PRO A 347 9.41 10.80 -31.07
CA PRO A 347 10.84 10.62 -31.37
C PRO A 347 11.41 11.60 -32.41
N LYS A 348 10.61 12.06 -33.35
CA LYS A 348 11.12 12.92 -34.42
C LYS A 348 11.43 14.34 -33.92
N TYR A 349 11.13 14.62 -32.67
CA TYR A 349 11.49 15.91 -32.06
C TYR A 349 12.63 15.76 -31.06
N LEU A 350 13.31 14.62 -31.11
CA LEU A 350 14.40 14.33 -30.17
C LEU A 350 15.69 14.10 -30.93
N PRO A 351 16.84 14.26 -30.26
CA PRO A 351 18.10 13.85 -30.86
C PRO A 351 18.04 12.37 -31.23
N GLN A 352 18.63 12.01 -32.35
CA GLN A 352 18.56 10.63 -32.86
C GLN A 352 18.88 9.62 -31.76
N GLU A 353 19.92 9.90 -30.98
CA GLU A 353 20.39 8.98 -29.94
C GLU A 353 19.33 8.61 -28.90
N GLN A 354 18.31 9.45 -28.74
CA GLN A 354 17.33 9.28 -27.68
C GLN A 354 16.03 8.63 -28.15
N ARG A 355 15.92 8.36 -29.44
CA ARG A 355 14.66 7.88 -30.01
C ARG A 355 14.41 6.40 -29.70
N PHE A 356 15.49 5.63 -29.60
CA PHE A 356 15.40 4.21 -29.28
C PHE A 356 14.71 3.99 -27.93
N ASP A 357 15.21 4.67 -26.91
CA ASP A 357 14.73 4.48 -25.55
C ASP A 357 13.25 4.81 -25.40
N ILE A 358 12.81 5.90 -26.01
CA ILE A 358 11.42 6.34 -25.88
C ILE A 358 10.45 5.38 -26.57
N ARG A 359 10.86 4.86 -27.72
CA ARG A 359 10.03 3.90 -28.46
C ARG A 359 9.81 2.62 -27.65
N VAL A 360 10.87 2.13 -27.03
CA VAL A 360 10.79 0.92 -26.23
C VAL A 360 9.90 1.14 -25.00
N LEU A 361 10.09 2.27 -24.34
CA LEU A 361 9.29 2.59 -23.16
C LEU A 361 7.81 2.71 -23.48
N GLY A 362 7.48 3.46 -24.53
CA GLY A 362 6.10 3.62 -24.95
C GLY A 362 5.47 2.30 -25.36
N LEU A 363 6.20 1.50 -26.13
CA LEU A 363 5.72 0.20 -26.54
C LEU A 363 5.51 -0.71 -25.34
N GLY A 364 6.44 -0.67 -24.40
CA GLY A 364 6.35 -1.45 -23.19
C GLY A 364 5.13 -1.08 -22.35
N LEU A 365 4.86 0.22 -22.23
CA LEU A 365 3.71 0.69 -21.48
C LEU A 365 2.42 0.21 -22.13
N LEU A 366 2.35 0.31 -23.45
CA LEU A 366 1.19 -0.16 -24.19
C LEU A 366 0.95 -1.65 -23.95
N ILE A 367 2.01 -2.44 -23.99
CA ILE A 367 1.89 -3.87 -23.73
C ILE A 367 1.32 -4.11 -22.33
N ASN A 368 1.86 -3.42 -21.34
CA ASN A 368 1.36 -3.53 -19.97
C ASN A 368 -0.14 -3.25 -19.92
N LEU A 369 -0.54 -2.15 -20.53
CA LEU A 369 -1.93 -1.70 -20.48
C LEU A 369 -2.87 -2.66 -21.19
N VAL A 370 -2.36 -3.34 -22.20
CA VAL A 370 -3.20 -4.14 -23.09
C VAL A 370 -3.17 -5.64 -22.74
N GLU A 371 -2.22 -6.05 -21.91
CA GLU A 371 -2.04 -7.46 -21.59
C GLU A 371 -3.33 -8.17 -21.16
N TYR A 372 -4.04 -7.62 -20.18
CA TYR A 372 -5.25 -8.26 -19.69
C TYR A 372 -6.51 -7.39 -19.79
N SER A 373 -6.34 -6.07 -19.75
CA SER A 373 -7.48 -5.16 -19.80
C SER A 373 -8.16 -5.16 -21.16
N ALA A 374 -9.36 -5.73 -21.22
CA ALA A 374 -10.14 -5.75 -22.44
C ALA A 374 -10.46 -4.32 -22.88
N ARG A 375 -10.81 -3.47 -21.92
CA ARG A 375 -11.22 -2.11 -22.23
C ARG A 375 -10.05 -1.26 -22.73
N ASN A 376 -8.86 -1.51 -22.22
CA ASN A 376 -7.67 -0.87 -22.77
C ASN A 376 -7.43 -1.37 -24.19
N ARG A 377 -7.55 -2.68 -24.36
CA ARG A 377 -7.44 -3.30 -25.67
C ARG A 377 -8.36 -2.60 -26.65
N HIS A 378 -9.64 -2.53 -26.29
CA HIS A 378 -10.66 -1.92 -27.12
C HIS A 378 -10.30 -0.49 -27.47
N CYS A 379 -9.92 0.29 -26.46
CA CYS A 379 -9.57 1.68 -26.65
C CYS A 379 -8.41 1.87 -27.62
N LEU A 380 -7.49 0.91 -27.65
CA LEU A 380 -6.31 1.02 -28.50
C LEU A 380 -6.61 0.69 -29.96
N VAL A 381 -7.33 -0.41 -30.20
CA VAL A 381 -7.63 -0.82 -31.56
C VAL A 381 -8.52 0.22 -32.26
N ASN A 382 -9.33 0.93 -31.48
CA ASN A 382 -10.21 1.94 -32.02
C ASN A 382 -9.57 3.34 -32.06
N MET A 383 -8.31 3.42 -31.64
CA MET A 383 -7.58 4.68 -31.65
C MET A 383 -7.23 5.06 -33.09
N GLU A 384 -6.94 6.33 -33.32
CA GLU A 384 -6.48 6.79 -34.61
C GLU A 384 -5.26 7.71 -34.48
N THR A 385 -4.31 7.57 -35.40
CA THR A 385 -3.05 8.29 -35.33
C THR A 385 -2.49 8.63 -36.71
N SER A 386 -1.31 9.23 -36.75
CA SER A 386 -0.73 9.70 -38.00
C SER A 386 0.38 8.80 -38.50
N CYS A 387 1.22 9.33 -39.38
CA CYS A 387 2.29 8.56 -40.00
C CYS A 387 3.62 9.30 -39.92
N GLN A 407 -4.72 10.14 -41.49
CA GLN A 407 -4.89 9.52 -40.17
C GLN A 407 -5.47 8.12 -40.30
N VAL A 408 -4.99 7.20 -39.46
CA VAL A 408 -5.31 5.79 -39.59
C VAL A 408 -5.51 5.13 -38.22
N HIS A 409 -6.07 3.92 -38.22
CA HIS A 409 -6.23 3.16 -36.98
C HIS A 409 -4.90 2.70 -36.39
N ALA A 410 -4.91 2.35 -35.10
CA ALA A 410 -3.70 2.03 -34.36
C ALA A 410 -2.99 0.78 -34.88
N VAL A 411 -3.74 -0.31 -35.03
CA VAL A 411 -3.16 -1.58 -35.45
C VAL A 411 -2.43 -1.38 -36.77
N GLN A 412 -3.10 -0.73 -37.71
CA GLN A 412 -2.54 -0.42 -39.01
C GLN A 412 -1.23 0.33 -38.86
N ALA A 413 -1.24 1.36 -38.01
CA ALA A 413 -0.06 2.16 -37.75
C ALA A 413 1.07 1.31 -37.15
N LEU A 414 0.70 0.40 -36.25
CA LEU A 414 1.68 -0.43 -35.58
C LEU A 414 2.32 -1.44 -36.53
N VAL A 415 1.51 -1.99 -37.44
CA VAL A 415 2.04 -2.89 -38.46
C VAL A 415 3.02 -2.13 -39.33
N GLN A 416 2.65 -0.90 -39.70
CA GLN A 416 3.53 -0.05 -40.49
C GLN A 416 4.85 0.18 -39.76
N LEU A 417 4.77 0.58 -38.51
CA LEU A 417 5.97 0.81 -37.69
C LEU A 417 6.87 -0.43 -37.72
N PHE A 418 6.26 -1.61 -37.60
CA PHE A 418 7.02 -2.85 -37.63
C PHE A 418 7.74 -3.00 -38.95
N LEU A 419 6.98 -2.98 -40.05
CA LEU A 419 7.55 -3.16 -41.38
C LEU A 419 8.59 -2.11 -41.69
N GLU A 420 8.25 -0.86 -41.40
CA GLU A 420 9.16 0.26 -41.58
C GLU A 420 10.49 0.00 -40.86
N ARG A 421 10.39 -0.44 -39.60
CA ARG A 421 11.58 -0.65 -38.78
C ARG A 421 12.30 -1.95 -39.13
N GLU A 422 11.57 -2.91 -39.68
CA GLU A 422 12.16 -4.17 -40.08
C GLU A 422 13.07 -3.97 -41.29
N ARG A 423 12.70 -3.03 -42.15
CA ARG A 423 13.54 -2.64 -43.28
C ARG A 423 14.74 -1.83 -42.82
N ALA A 424 14.46 -0.75 -42.09
CA ALA A 424 15.51 0.10 -41.54
C ALA A 424 16.61 -0.73 -40.91
N ALA A 425 16.25 -1.92 -40.42
CA ALA A 425 17.21 -2.79 -39.77
C ALA A 425 18.04 -3.61 -40.76
N GLN A 426 17.36 -4.26 -41.72
CA GLN A 426 18.06 -5.10 -42.67
C GLN A 426 18.89 -4.27 -43.65
N LEU A 427 18.66 -2.96 -43.66
CA LEU A 427 19.48 -2.06 -44.46
C LEU A 427 20.64 -1.53 -43.62
N ALA A 428 20.35 -1.17 -42.38
CA ALA A 428 21.39 -0.69 -41.46
C ALA A 428 22.44 -1.76 -41.23
N GLU A 429 22.08 -3.02 -41.49
CA GLU A 429 23.03 -4.12 -41.36
C GLU A 429 23.80 -4.29 -42.66
N SER A 430 23.16 -3.95 -43.78
CA SER A 430 23.82 -3.98 -45.08
C SER A 430 24.94 -2.94 -45.13
N LYS A 431 24.64 -1.73 -44.64
CA LYS A 431 25.63 -0.67 -44.61
C LYS A 431 26.83 -1.06 -43.76
N THR A 432 26.58 -1.83 -42.69
CA THR A 432 27.65 -2.24 -41.79
C THR A 432 28.25 -3.59 -42.21
N ASP A 433 27.56 -4.30 -43.09
CA ASP A 433 28.12 -5.50 -43.70
C ASP A 433 29.05 -5.09 -44.84
N GLU A 434 28.83 -3.90 -45.37
CA GLU A 434 29.69 -3.34 -46.41
C GLU A 434 31.00 -2.86 -45.79
N LEU A 435 30.90 -2.14 -44.68
CA LEU A 435 32.06 -1.53 -44.05
C LEU A 435 33.07 -2.56 -43.53
N ILE A 436 32.57 -3.66 -42.95
CA ILE A 436 33.46 -4.67 -42.39
C ILE A 436 34.44 -5.17 -43.46
N LYS A 437 33.98 -5.26 -44.69
CA LYS A 437 34.84 -5.60 -45.82
C LYS A 437 35.39 -4.33 -46.46
N ASP A 438 34.80 -3.96 -47.59
CA ASP A 438 35.13 -2.70 -48.27
C ASP A 438 35.57 -1.62 -47.29
N ASN A 484 34.94 3.19 -37.93
CA ASN A 484 33.93 2.50 -37.12
C ASN A 484 32.54 3.06 -37.35
N LYS A 485 32.33 3.64 -38.53
CA LYS A 485 31.01 4.12 -38.92
C LYS A 485 30.07 2.92 -38.93
N ALA A 486 30.65 1.73 -39.01
CA ALA A 486 29.90 0.48 -38.96
C ALA A 486 29.33 0.22 -37.57
N LEU A 487 30.13 0.50 -36.55
CA LEU A 487 29.69 0.34 -35.16
C LEU A 487 28.33 1.01 -34.99
N GLN A 488 28.27 2.29 -35.33
CA GLN A 488 27.03 3.05 -35.27
C GLN A 488 25.94 2.35 -36.07
N HIS A 489 26.26 1.96 -37.30
CA HIS A 489 25.30 1.32 -38.19
C HIS A 489 24.86 -0.04 -37.66
N ALA A 490 25.71 -0.66 -36.85
CA ALA A 490 25.37 -1.92 -36.21
C ALA A 490 24.46 -1.64 -35.02
N GLY A 491 24.82 -0.62 -34.25
CA GLY A 491 24.00 -0.19 -33.13
C GLY A 491 22.59 0.16 -33.58
N LYS A 492 22.47 0.83 -34.72
CA LYS A 492 21.16 1.22 -35.24
C LYS A 492 20.43 -0.01 -35.77
N HIS A 493 21.19 -1.02 -36.19
CA HIS A 493 20.59 -2.28 -36.62
C HIS A 493 19.88 -2.93 -35.43
N MET A 494 20.61 -3.10 -34.34
CA MET A 494 20.06 -3.68 -33.12
C MET A 494 18.81 -2.93 -32.67
N GLU A 495 18.92 -1.61 -32.61
CA GLU A 495 17.80 -0.78 -32.15
C GLU A 495 16.55 -0.99 -32.99
N ASP A 496 16.70 -0.94 -34.31
CA ASP A 496 15.55 -1.10 -35.21
C ASP A 496 14.92 -2.48 -35.07
N CYS A 497 15.74 -3.48 -34.74
CA CYS A 497 15.23 -4.83 -34.55
C CYS A 497 14.41 -4.93 -33.26
N ILE A 498 14.96 -4.41 -32.17
CA ILE A 498 14.26 -4.47 -30.88
C ILE A 498 12.95 -3.71 -30.92
N VAL A 499 12.93 -2.57 -31.62
CA VAL A 499 11.71 -1.80 -31.73
C VAL A 499 10.69 -2.57 -32.58
N ALA A 500 11.15 -3.14 -33.68
CA ALA A 500 10.30 -4.01 -34.49
C ALA A 500 9.80 -5.17 -33.63
N SER A 501 10.68 -5.68 -32.77
CA SER A 501 10.35 -6.82 -31.93
C SER A 501 9.22 -6.49 -30.94
N TYR A 502 9.40 -5.41 -30.19
CA TYR A 502 8.38 -5.02 -29.22
C TYR A 502 7.07 -4.69 -29.92
N THR A 503 7.16 -4.14 -31.12
CA THR A 503 5.97 -3.82 -31.89
C THR A 503 5.27 -5.12 -32.28
N ALA A 504 6.06 -6.12 -32.69
CA ALA A 504 5.53 -7.43 -33.03
C ALA A 504 4.95 -8.09 -31.80
N LEU A 505 5.61 -7.90 -30.66
CA LEU A 505 5.15 -8.49 -29.41
C LEU A 505 3.80 -7.88 -29.00
N LEU A 506 3.68 -6.58 -29.17
CA LEU A 506 2.42 -5.89 -28.88
C LEU A 506 1.30 -6.36 -29.80
N LEU A 507 1.57 -6.39 -31.10
CA LEU A 507 0.59 -6.84 -32.08
C LEU A 507 0.19 -8.28 -31.81
N GLY A 508 1.17 -9.13 -31.52
CA GLY A 508 0.92 -10.52 -31.21
C GLY A 508 0.04 -10.66 -29.99
N CYS A 509 0.25 -9.77 -29.01
CA CYS A 509 -0.57 -9.77 -27.81
C CYS A 509 -2.03 -9.50 -28.18
N LEU A 510 -2.25 -8.44 -28.93
CA LEU A 510 -3.59 -8.08 -29.38
C LEU A 510 -4.24 -9.22 -30.17
N CYS A 511 -3.41 -9.94 -30.92
CA CYS A 511 -3.91 -11.02 -31.77
C CYS A 511 -4.43 -12.21 -30.97
N GLN A 512 -3.68 -12.63 -29.96
CA GLN A 512 -4.03 -13.83 -29.21
C GLN A 512 -5.18 -13.59 -28.24
N GLU A 513 -5.49 -12.32 -27.99
CA GLU A 513 -6.61 -11.97 -27.12
C GLU A 513 -7.90 -11.82 -27.93
N SER A 514 -7.77 -11.67 -29.25
CA SER A 514 -8.93 -11.64 -30.13
C SER A 514 -8.53 -12.00 -31.56
N PRO A 515 -9.16 -13.05 -32.11
CA PRO A 515 -8.88 -13.46 -33.50
C PRO A 515 -9.21 -12.34 -34.49
N ILE A 516 -10.17 -11.49 -34.14
CA ILE A 516 -10.55 -10.37 -34.99
C ILE A 516 -9.32 -9.55 -35.38
N ASN A 517 -8.47 -9.25 -34.40
CA ASN A 517 -7.26 -8.49 -34.65
C ASN A 517 -6.27 -9.24 -35.55
N VAL A 518 -6.35 -10.56 -35.53
CA VAL A 518 -5.51 -11.37 -36.41
C VAL A 518 -5.84 -11.06 -37.87
N THR A 519 -7.12 -11.03 -38.17
CA THR A 519 -7.59 -10.70 -39.53
C THR A 519 -7.04 -9.34 -39.96
N THR A 520 -7.10 -8.37 -39.05
CA THR A 520 -6.65 -7.02 -39.34
C THR A 520 -5.16 -6.98 -39.67
N VAL A 521 -4.34 -7.57 -38.81
CA VAL A 521 -2.90 -7.58 -39.02
C VAL A 521 -2.57 -8.31 -40.31
N ARG A 522 -3.31 -9.37 -40.61
CA ARG A 522 -3.13 -10.11 -41.84
C ARG A 522 -3.33 -9.19 -43.05
N GLU A 523 -4.41 -8.42 -43.00
CA GLU A 523 -4.74 -7.49 -44.08
C GLU A 523 -3.54 -6.60 -44.42
N TYR A 524 -2.95 -5.97 -43.41
CA TYR A 524 -1.87 -5.02 -43.62
C TYR A 524 -0.49 -5.68 -43.68
N LEU A 525 -0.44 -6.99 -43.49
CA LEU A 525 0.82 -7.72 -43.62
C LEU A 525 1.03 -8.17 -45.06
N PRO A 526 2.24 -7.92 -45.60
CA PRO A 526 2.60 -8.39 -46.93
C PRO A 526 2.33 -9.88 -47.13
N GLU A 527 1.46 -10.22 -48.07
CA GLU A 527 1.09 -11.61 -48.33
C GLU A 527 0.18 -12.18 -47.25
N GLY A 528 0.03 -11.45 -46.14
CA GLY A 528 -0.65 -11.97 -44.98
C GLY A 528 0.22 -13.00 -44.28
N ASP A 529 1.54 -12.87 -44.48
CA ASP A 529 2.50 -13.83 -43.95
C ASP A 529 3.05 -13.36 -42.62
N PHE A 530 2.62 -14.02 -41.54
CA PHE A 530 3.02 -13.64 -40.19
C PHE A 530 4.45 -14.08 -39.85
N SER A 531 5.08 -14.81 -40.76
CA SER A 531 6.41 -15.37 -40.49
C SER A 531 7.47 -14.27 -40.35
N ILE A 532 7.20 -13.10 -40.93
CA ILE A 532 8.13 -11.98 -40.81
C ILE A 532 8.18 -11.47 -39.38
N MET A 533 7.06 -11.61 -38.67
CA MET A 533 6.98 -11.23 -37.25
C MET A 533 7.57 -12.32 -36.37
N THR A 534 7.15 -13.56 -36.61
CA THR A 534 7.57 -14.68 -35.78
C THR A 534 9.07 -14.90 -35.88
N GLU A 535 9.62 -14.78 -37.09
CA GLU A 535 11.06 -14.92 -37.28
C GLU A 535 11.80 -13.86 -36.48
N MET A 536 11.23 -12.66 -36.44
CA MET A 536 11.81 -11.55 -35.70
C MET A 536 11.78 -11.80 -34.19
N LEU A 537 10.65 -12.34 -33.72
CA LEU A 537 10.47 -12.60 -32.29
C LEU A 537 11.40 -13.70 -31.79
N LYS A 538 11.64 -14.72 -32.61
CA LYS A 538 12.55 -15.79 -32.24
C LYS A 538 13.95 -15.23 -31.96
N LYS A 539 14.43 -14.38 -32.85
CA LYS A 539 15.74 -13.78 -32.68
C LYS A 539 15.72 -12.82 -31.49
N PHE A 540 14.58 -12.18 -31.27
CA PHE A 540 14.43 -11.25 -30.15
C PHE A 540 14.50 -11.98 -28.82
N LEU A 541 13.79 -13.10 -28.72
CA LEU A 541 13.82 -13.91 -27.51
C LEU A 541 15.23 -14.40 -27.24
N SER A 542 15.93 -14.77 -28.30
CA SER A 542 17.32 -15.21 -28.18
C SER A 542 18.20 -14.06 -27.70
N PHE A 543 17.96 -12.87 -28.23
CA PHE A 543 18.71 -11.69 -27.78
C PHE A 543 18.42 -11.35 -26.33
N MET A 544 17.17 -11.51 -25.92
CA MET A 544 16.78 -11.22 -24.54
C MET A 544 17.57 -12.05 -23.55
N ASN A 545 17.81 -13.32 -23.89
CA ASN A 545 18.54 -14.21 -23.00
C ASN A 545 20.04 -13.94 -23.02
N LEU A 546 20.47 -13.10 -23.96
CA LEU A 546 21.82 -12.57 -23.96
C LEU A 546 21.90 -11.48 -22.90
N THR A 547 20.85 -10.67 -22.79
CA THR A 547 20.81 -9.59 -21.82
C THR A 547 20.51 -10.10 -20.42
N CYS A 548 19.86 -11.26 -20.34
CA CYS A 548 19.48 -11.87 -19.07
C CYS A 548 18.46 -11.01 -18.32
N ALA A 549 17.78 -10.15 -19.05
CA ALA A 549 16.87 -9.19 -18.43
C ALA A 549 15.48 -9.77 -18.13
N VAL A 550 15.16 -10.90 -18.74
CA VAL A 550 13.82 -11.49 -18.59
C VAL A 550 13.87 -12.92 -18.05
N GLY A 551 12.89 -13.26 -17.21
CA GLY A 551 12.85 -14.55 -16.54
C GLY A 551 11.99 -15.58 -17.26
N THR A 552 11.82 -16.71 -16.61
CA THR A 552 11.14 -17.85 -17.23
C THR A 552 9.77 -17.53 -17.81
N THR A 553 8.89 -16.95 -17.00
CA THR A 553 7.53 -16.65 -17.41
C THR A 553 7.52 -15.72 -18.63
N GLY A 554 8.33 -14.68 -18.57
CA GLY A 554 8.47 -13.75 -19.68
C GLY A 554 8.88 -14.49 -20.94
N GLN A 555 9.95 -15.27 -20.84
CA GLN A 555 10.44 -16.05 -21.97
C GLN A 555 9.35 -16.99 -22.49
N LYS A 556 8.68 -17.67 -21.57
CA LYS A 556 7.66 -18.65 -21.94
C LYS A 556 6.48 -18.01 -22.66
N SER A 557 6.04 -16.84 -22.19
CA SER A 557 4.88 -16.19 -22.77
C SER A 557 5.21 -15.60 -24.15
N ILE A 558 6.47 -15.19 -24.32
CA ILE A 558 6.94 -14.73 -25.62
C ILE A 558 6.93 -15.92 -26.59
N SER A 559 7.40 -17.06 -26.11
CA SER A 559 7.38 -18.28 -26.90
C SER A 559 5.96 -18.60 -27.34
N ARG A 560 5.01 -18.46 -26.41
CA ARG A 560 3.62 -18.76 -26.71
C ARG A 560 3.06 -17.82 -27.78
N VAL A 561 3.48 -16.56 -27.73
CA VAL A 561 3.07 -15.60 -28.74
C VAL A 561 3.58 -16.01 -30.12
N ILE A 562 4.82 -16.51 -30.16
CA ILE A 562 5.41 -17.00 -31.40
C ILE A 562 4.61 -18.19 -31.93
N GLU A 563 4.32 -19.14 -31.05
CA GLU A 563 3.50 -20.30 -31.40
C GLU A 563 2.19 -19.86 -32.03
N TYR A 564 1.45 -19.03 -31.30
CA TYR A 564 0.14 -18.58 -31.74
C TYR A 564 0.21 -17.97 -33.15
N LEU A 565 1.11 -17.01 -33.33
CA LEU A 565 1.26 -16.36 -34.63
C LEU A 565 1.70 -17.34 -35.71
N GLU A 566 2.51 -18.33 -35.34
CA GLU A 566 2.95 -19.35 -36.27
C GLU A 566 1.77 -20.13 -36.86
N HIS A 567 0.63 -20.10 -36.17
CA HIS A 567 -0.56 -20.77 -36.65
C HIS A 567 -1.58 -19.76 -37.20
N CYS A 568 -1.08 -18.64 -37.71
CA CYS A 568 -1.93 -17.61 -38.28
C CYS A 568 -1.68 -17.46 -39.78
N GLY B 1 -2.23 -23.16 -12.98
CA GLY B 1 -2.61 -21.78 -13.37
C GLY B 1 -4.04 -21.46 -12.97
N PRO B 2 -4.51 -20.26 -13.35
CA PRO B 2 -5.88 -19.83 -13.00
C PRO B 2 -6.96 -20.80 -13.48
N LEU B 3 -6.74 -21.44 -14.63
CA LEU B 3 -7.71 -22.40 -15.15
C LEU B 3 -7.55 -23.78 -14.50
N GLY B 4 -6.40 -24.00 -13.87
CA GLY B 4 -6.12 -25.27 -13.22
C GLY B 4 -7.05 -25.54 -12.05
N SER B 5 -7.08 -26.79 -11.60
CA SER B 5 -7.94 -27.19 -10.50
C SER B 5 -7.31 -28.33 -9.71
N GLY B 6 -7.22 -28.15 -8.39
CA GLY B 6 -6.82 -29.23 -7.52
C GLY B 6 -8.03 -30.06 -7.17
N ARG B 7 -7.82 -31.23 -6.57
CA ARG B 7 -8.92 -32.08 -6.14
C ARG B 7 -9.94 -31.30 -5.30
N PRO B 8 -9.47 -30.58 -4.28
CA PRO B 8 -10.36 -29.83 -3.38
C PRO B 8 -11.39 -28.95 -4.10
N GLU B 9 -10.92 -28.12 -5.02
CA GLU B 9 -11.81 -27.22 -5.75
C GLU B 9 -12.89 -28.00 -6.48
N LEU B 10 -12.51 -29.14 -7.06
CA LEU B 10 -13.47 -29.97 -7.78
C LEU B 10 -14.37 -30.72 -6.80
N TYR B 11 -13.83 -31.05 -5.63
CA TYR B 11 -14.61 -31.69 -4.58
C TYR B 11 -15.74 -30.75 -4.16
N THR B 12 -15.40 -29.49 -3.91
CA THR B 12 -16.39 -28.49 -3.53
C THR B 12 -17.49 -28.36 -4.58
N VAL B 13 -17.08 -28.30 -5.85
CA VAL B 13 -18.03 -28.13 -6.94
C VAL B 13 -18.94 -29.34 -7.08
N VAL B 14 -18.37 -30.53 -6.89
CA VAL B 14 -19.13 -31.77 -7.02
C VAL B 14 -20.13 -31.94 -5.89
N GLN B 15 -19.73 -31.58 -4.68
CA GLN B 15 -20.61 -31.69 -3.51
C GLN B 15 -21.72 -30.64 -3.57
N HIS B 16 -21.34 -29.41 -3.93
CA HIS B 16 -22.30 -28.33 -4.05
C HIS B 16 -23.44 -28.72 -4.98
N VAL B 17 -23.18 -29.67 -5.87
CA VAL B 17 -24.20 -30.18 -6.78
C VAL B 17 -24.90 -31.40 -6.19
N LYS B 18 -24.11 -32.31 -5.61
CA LYS B 18 -24.65 -33.55 -5.06
C LYS B 18 -25.15 -33.38 -3.63
N HIS B 19 -24.29 -33.67 -2.65
CA HIS B 19 -24.69 -33.58 -1.24
C HIS B 19 -25.52 -32.32 -0.95
N PHE B 20 -24.83 -31.19 -0.83
CA PHE B 20 -25.50 -29.92 -0.59
C PHE B 20 -26.07 -29.39 -1.90
N ASN B 21 -26.84 -30.22 -2.60
CA ASN B 21 -27.37 -29.85 -3.91
C ASN B 21 -28.10 -28.52 -3.84
N ASP B 22 -28.06 -27.78 -4.94
CA ASP B 22 -28.74 -26.49 -5.01
C ASP B 22 -29.86 -26.52 -6.04
N VAL B 23 -31.09 -26.34 -5.57
CA VAL B 23 -32.26 -26.27 -6.44
C VAL B 23 -32.02 -25.19 -7.51
N VAL B 24 -31.20 -25.53 -8.50
CA VAL B 24 -30.75 -24.54 -9.47
C VAL B 24 -30.93 -25.01 -10.90
N GLU B 25 -31.60 -24.18 -11.70
CA GLU B 25 -31.70 -24.39 -13.13
C GLU B 25 -30.65 -23.54 -13.85
N PHE B 26 -30.33 -23.92 -15.08
CA PHE B 26 -29.39 -23.16 -15.90
C PHE B 26 -30.17 -22.55 -17.06
N GLY B 27 -31.15 -23.29 -17.56
CA GLY B 27 -32.05 -22.77 -18.57
C GLY B 27 -32.99 -21.74 -17.96
N GLU B 28 -33.17 -20.64 -18.68
CA GLU B 28 -33.99 -19.53 -18.20
C GLU B 28 -35.25 -20.01 -17.48
N ASN B 29 -35.62 -19.30 -16.42
CA ASN B 29 -36.82 -19.64 -15.64
C ASN B 29 -37.95 -18.65 -15.91
N GLN B 30 -39.14 -19.00 -15.45
CA GLN B 30 -40.28 -18.08 -15.52
C GLN B 30 -40.45 -17.40 -14.18
N GLU B 31 -39.86 -17.98 -13.15
CA GLU B 31 -39.77 -17.33 -11.85
C GLU B 31 -38.88 -16.10 -11.99
N PHE B 32 -38.08 -16.07 -13.06
CA PHE B 32 -37.11 -15.00 -13.26
C PHE B 32 -37.44 -14.11 -14.46
N THR B 33 -37.43 -14.69 -15.66
CA THR B 33 -37.57 -13.90 -16.89
C THR B 33 -38.76 -12.94 -16.86
N ASP B 34 -39.85 -13.37 -16.25
CA ASP B 34 -41.05 -12.54 -16.17
C ASP B 34 -40.97 -11.57 -14.99
N ASP B 35 -40.86 -12.13 -13.78
CA ASP B 35 -40.89 -11.32 -12.57
C ASP B 35 -39.77 -10.30 -12.48
N ILE B 36 -38.72 -10.47 -13.29
CA ILE B 36 -37.57 -9.59 -13.22
C ILE B 36 -37.81 -8.23 -13.86
N GLU B 37 -38.54 -8.21 -14.98
CA GLU B 37 -38.74 -6.97 -15.72
C GLU B 37 -39.62 -6.00 -14.94
N TYR B 38 -40.53 -6.53 -14.12
CA TYR B 38 -41.43 -5.68 -13.36
C TYR B 38 -40.80 -5.21 -12.05
N LEU B 39 -40.00 -6.06 -11.43
CA LEU B 39 -39.28 -5.67 -10.23
C LEU B 39 -38.27 -4.57 -10.56
N LEU B 40 -37.62 -4.69 -11.72
CA LEU B 40 -36.63 -3.71 -12.15
C LEU B 40 -37.26 -2.35 -12.43
N SER B 41 -38.35 -2.34 -13.18
CA SER B 41 -39.05 -1.10 -13.49
C SER B 41 -39.51 -0.41 -12.20
N GLY B 42 -39.78 -1.21 -11.18
CA GLY B 42 -40.25 -0.69 -9.91
C GLY B 42 -39.15 -0.02 -9.09
N LEU B 43 -37.91 -0.15 -9.54
CA LEU B 43 -36.78 0.45 -8.83
C LEU B 43 -36.51 1.87 -9.30
N LYS B 44 -37.04 2.22 -10.48
CA LYS B 44 -36.77 3.52 -11.08
C LYS B 44 -37.10 4.66 -10.11
N SER B 45 -36.27 5.70 -10.14
CA SER B 45 -36.45 6.86 -9.28
C SER B 45 -37.73 7.61 -9.60
N THR B 46 -38.22 7.44 -10.83
CA THR B 46 -39.47 8.08 -11.25
C THR B 46 -40.67 7.40 -10.60
N GLN B 47 -40.45 6.21 -10.06
CA GLN B 47 -41.48 5.48 -9.34
C GLN B 47 -41.65 6.09 -7.95
N PRO B 48 -42.87 6.09 -7.40
CA PRO B 48 -43.01 6.69 -6.06
C PRO B 48 -42.25 5.90 -5.00
N LEU B 49 -41.76 6.60 -3.98
CA LEU B 49 -40.86 6.03 -2.98
C LEU B 49 -41.33 4.67 -2.44
N ASN B 50 -42.60 4.57 -2.08
CA ASN B 50 -43.13 3.32 -1.54
C ASN B 50 -43.04 2.17 -2.54
N THR B 51 -43.24 2.47 -3.82
CA THR B 51 -43.17 1.46 -4.86
C THR B 51 -41.74 0.96 -4.99
N ARG B 52 -40.79 1.86 -4.86
CA ARG B 52 -39.37 1.50 -4.94
C ARG B 52 -38.98 0.58 -3.80
N CYS B 53 -39.40 0.92 -2.59
CA CYS B 53 -39.12 0.09 -1.42
C CYS B 53 -39.73 -1.30 -1.59
N LEU B 54 -40.99 -1.34 -2.02
CA LEU B 54 -41.69 -2.59 -2.20
C LEU B 54 -41.02 -3.47 -3.25
N SER B 55 -40.51 -2.83 -4.30
CA SER B 55 -39.81 -3.54 -5.36
C SER B 55 -38.49 -4.12 -4.85
N VAL B 56 -37.77 -3.33 -4.05
CA VAL B 56 -36.49 -3.76 -3.51
C VAL B 56 -36.66 -4.93 -2.55
N ILE B 57 -37.70 -4.88 -1.73
CA ILE B 57 -37.95 -5.94 -0.76
C ILE B 57 -38.41 -7.21 -1.47
N SER B 58 -39.24 -7.06 -2.48
CA SER B 58 -39.69 -8.20 -3.27
C SER B 58 -38.48 -8.84 -3.95
N LEU B 59 -37.68 -8.01 -4.61
CA LEU B 59 -36.46 -8.48 -5.26
C LEU B 59 -35.59 -9.19 -4.23
N ALA B 60 -35.40 -8.56 -3.08
CA ALA B 60 -34.64 -9.16 -1.98
C ALA B 60 -35.22 -10.52 -1.62
N THR B 61 -36.55 -10.59 -1.55
CA THR B 61 -37.23 -11.81 -1.14
C THR B 61 -37.04 -12.92 -2.17
N LYS B 62 -37.11 -12.55 -3.45
CA LYS B 62 -36.84 -13.52 -4.52
C LYS B 62 -35.43 -14.06 -4.37
N CYS B 63 -34.53 -13.21 -3.91
CA CYS B 63 -33.10 -13.54 -3.85
C CYS B 63 -32.75 -14.50 -2.72
N ALA B 64 -33.76 -14.89 -1.93
CA ALA B 64 -33.56 -15.95 -0.95
C ALA B 64 -33.34 -17.27 -1.69
N MET B 65 -33.90 -17.37 -2.90
CA MET B 65 -33.75 -18.54 -3.75
C MET B 65 -32.44 -18.48 -4.52
N PRO B 66 -31.53 -19.43 -4.27
CA PRO B 66 -30.26 -19.51 -5.00
C PRO B 66 -30.43 -19.39 -6.51
N SER B 67 -31.41 -20.10 -7.06
CA SER B 67 -31.60 -20.13 -8.51
C SER B 67 -31.88 -18.75 -9.07
N PHE B 68 -32.72 -17.98 -8.38
CA PHE B 68 -33.07 -16.63 -8.81
C PHE B 68 -31.84 -15.73 -8.75
N ARG B 69 -31.05 -15.89 -7.69
CA ARG B 69 -29.83 -15.10 -7.53
C ARG B 69 -28.85 -15.39 -8.65
N MET B 70 -28.68 -16.68 -8.96
CA MET B 70 -27.75 -17.10 -10.00
C MET B 70 -28.12 -16.47 -11.34
N HIS B 71 -29.41 -16.40 -11.63
CA HIS B 71 -29.87 -15.81 -12.88
C HIS B 71 -29.68 -14.30 -12.89
N LEU B 72 -30.01 -13.65 -11.79
CA LEU B 72 -29.85 -12.20 -11.70
C LEU B 72 -28.41 -11.79 -11.96
N ARG B 73 -27.47 -12.67 -11.63
CA ARG B 73 -26.05 -12.37 -11.79
C ARG B 73 -25.51 -12.79 -13.16
N ALA B 74 -25.96 -13.93 -13.65
CA ALA B 74 -25.53 -14.41 -14.96
C ALA B 74 -25.93 -13.42 -16.06
N HIS B 75 -26.99 -12.65 -15.79
CA HIS B 75 -27.49 -11.68 -16.75
C HIS B 75 -26.84 -10.30 -16.56
N GLY B 76 -25.91 -10.20 -15.63
CA GLY B 76 -25.17 -8.97 -15.39
C GLY B 76 -26.06 -7.81 -14.96
N MET B 77 -27.02 -8.07 -14.10
CA MET B 77 -28.01 -7.07 -13.72
C MET B 77 -27.69 -6.35 -12.41
N VAL B 78 -26.94 -7.00 -11.53
CA VAL B 78 -26.66 -6.46 -10.20
C VAL B 78 -26.23 -4.99 -10.24
N ALA B 79 -25.20 -4.69 -11.03
CA ALA B 79 -24.67 -3.34 -11.10
C ALA B 79 -25.76 -2.37 -11.55
N MET B 80 -26.60 -2.81 -12.49
CA MET B 80 -27.65 -1.97 -13.03
C MET B 80 -28.70 -1.64 -11.98
N VAL B 81 -29.06 -2.62 -11.15
CA VAL B 81 -30.09 -2.41 -10.15
C VAL B 81 -29.62 -1.44 -9.08
N PHE B 82 -28.32 -1.41 -8.82
CA PHE B 82 -27.76 -0.52 -7.80
C PHE B 82 -27.42 0.86 -8.35
N LYS B 83 -27.23 0.96 -9.66
CA LYS B 83 -27.11 2.27 -10.28
C LYS B 83 -28.48 2.91 -10.28
N THR B 84 -29.51 2.08 -10.44
CA THR B 84 -30.88 2.53 -10.39
C THR B 84 -31.21 2.99 -8.97
N LEU B 85 -30.57 2.34 -7.99
CA LEU B 85 -30.80 2.64 -6.59
C LEU B 85 -29.72 3.54 -5.99
N ASP B 86 -28.90 4.16 -6.85
CA ASP B 86 -27.75 4.91 -6.37
C ASP B 86 -28.11 6.25 -5.72
N ASP B 87 -29.41 6.52 -5.58
CA ASP B 87 -29.87 7.70 -4.86
C ASP B 87 -30.50 7.30 -3.52
N SER B 88 -30.47 6.00 -3.24
CA SER B 88 -31.02 5.46 -1.98
C SER B 88 -30.62 6.32 -0.79
N GLN B 89 -29.34 6.68 -0.73
CA GLN B 89 -28.80 7.52 0.32
C GLN B 89 -29.76 8.63 0.77
N HIS B 90 -30.52 9.16 -0.18
CA HIS B 90 -31.32 10.37 0.06
C HIS B 90 -32.66 10.11 0.75
N HIS B 91 -32.99 8.85 1.02
CA HIS B 91 -34.28 8.54 1.63
C HIS B 91 -34.20 7.47 2.71
N GLN B 92 -34.55 7.89 3.93
CA GLN B 92 -34.59 7.01 5.10
C GLN B 92 -35.01 5.58 4.78
N ASN B 93 -36.08 5.42 4.00
CA ASN B 93 -36.71 4.12 3.80
C ASN B 93 -36.02 3.28 2.73
N LEU B 94 -35.73 3.91 1.59
CA LEU B 94 -35.12 3.21 0.48
C LEU B 94 -33.75 2.70 0.88
N SER B 95 -33.08 3.44 1.75
CA SER B 95 -31.77 3.04 2.28
C SER B 95 -31.85 1.68 2.96
N LEU B 96 -32.71 1.56 3.97
CA LEU B 96 -32.86 0.31 4.70
C LEU B 96 -33.09 -0.85 3.73
N CYS B 97 -33.93 -0.61 2.73
CA CYS B 97 -34.27 -1.63 1.76
C CYS B 97 -33.08 -1.99 0.88
N THR B 98 -32.42 -0.97 0.34
CA THR B 98 -31.30 -1.17 -0.57
C THR B 98 -30.13 -1.88 0.13
N ALA B 99 -29.86 -1.49 1.37
CA ALA B 99 -28.83 -2.15 2.17
C ALA B 99 -29.20 -3.61 2.38
N ALA B 100 -30.47 -3.85 2.67
CA ALA B 100 -30.98 -5.20 2.86
C ALA B 100 -30.76 -6.02 1.59
N LEU B 101 -31.00 -5.40 0.44
CA LEU B 101 -30.84 -6.09 -0.84
C LEU B 101 -29.41 -6.59 -1.03
N MET B 102 -28.43 -5.70 -0.83
CA MET B 102 -27.04 -6.09 -1.07
C MET B 102 -26.56 -7.07 -0.02
N TYR B 103 -27.13 -7.03 1.17
CA TYR B 103 -26.77 -7.99 2.21
C TYR B 103 -27.20 -9.39 1.78
N ILE B 104 -28.42 -9.50 1.28
CA ILE B 104 -28.94 -10.78 0.81
C ILE B 104 -28.09 -11.29 -0.35
N LEU B 105 -27.80 -10.42 -1.31
CA LEU B 105 -26.99 -10.80 -2.47
C LEU B 105 -25.59 -11.24 -2.07
N SER B 106 -25.03 -10.57 -1.07
CA SER B 106 -23.64 -10.82 -0.66
C SER B 106 -23.44 -12.23 -0.11
N ARG B 107 -24.52 -13.01 -0.03
CA ARG B 107 -24.41 -14.42 0.29
C ARG B 107 -23.50 -15.11 -0.72
N ASP B 108 -23.50 -14.61 -1.94
CA ASP B 108 -22.63 -15.13 -3.00
C ASP B 108 -21.43 -14.23 -3.21
N ARG B 109 -20.43 -14.72 -3.93
CA ARG B 109 -19.28 -13.91 -4.31
C ARG B 109 -19.67 -12.98 -5.45
N LEU B 110 -19.65 -11.67 -5.18
CA LEU B 110 -20.11 -10.69 -6.16
C LEU B 110 -18.95 -10.05 -6.91
N ASN B 111 -17.80 -10.72 -6.91
CA ASN B 111 -16.62 -10.23 -7.61
C ASN B 111 -16.93 -9.76 -9.03
N MET B 112 -17.70 -10.57 -9.76
CA MET B 112 -17.97 -10.30 -11.17
C MET B 112 -19.23 -9.48 -11.38
N ASP B 113 -19.90 -9.10 -10.28
CA ASP B 113 -21.22 -8.49 -10.36
C ASP B 113 -21.27 -7.04 -9.86
N LEU B 114 -20.75 -6.79 -8.67
CA LEU B 114 -20.69 -5.42 -8.15
C LEU B 114 -19.61 -4.62 -8.88
N ASP B 115 -19.89 -3.35 -9.12
CA ASP B 115 -18.91 -2.45 -9.72
C ASP B 115 -18.48 -1.40 -8.71
N ARG B 116 -17.58 -0.52 -9.11
CA ARG B 116 -17.07 0.52 -8.21
C ARG B 116 -18.20 1.41 -7.70
N ALA B 117 -19.17 1.71 -8.55
CA ALA B 117 -20.26 2.62 -8.18
C ALA B 117 -21.13 2.04 -7.07
N SER B 118 -21.33 0.72 -7.10
CA SER B 118 -22.20 0.07 -6.13
C SER B 118 -21.54 -0.04 -4.75
N LEU B 119 -20.21 -0.14 -4.73
CA LEU B 119 -19.47 -0.11 -3.47
C LEU B 119 -19.52 1.29 -2.88
N ASP B 120 -19.26 2.29 -3.73
CA ASP B 120 -19.41 3.67 -3.31
C ASP B 120 -20.77 3.89 -2.66
N LEU B 121 -21.80 3.30 -3.27
CA LEU B 121 -23.15 3.41 -2.75
C LEU B 121 -23.25 2.85 -1.34
N MET B 122 -22.75 1.63 -1.17
CA MET B 122 -22.89 0.94 0.11
C MET B 122 -22.11 1.66 1.21
N ILE B 123 -20.98 2.24 0.84
CA ILE B 123 -20.19 3.01 1.78
C ILE B 123 -20.95 4.27 2.21
N ARG B 124 -21.61 4.90 1.25
CA ARG B 124 -22.49 6.03 1.54
C ARG B 124 -23.56 5.65 2.56
N LEU B 125 -24.16 4.48 2.36
CA LEU B 125 -25.20 3.99 3.27
C LEU B 125 -24.60 3.72 4.65
N LEU B 126 -23.34 3.30 4.67
CA LEU B 126 -22.66 2.99 5.93
C LEU B 126 -22.43 4.25 6.75
N GLU B 127 -22.14 5.36 6.07
CA GLU B 127 -21.78 6.60 6.75
C GLU B 127 -22.97 7.55 6.87
N LEU B 128 -24.14 7.08 6.43
CA LEU B 128 -25.37 7.84 6.56
C LEU B 128 -25.81 7.91 8.01
N GLU B 129 -26.22 9.09 8.46
CA GLU B 129 -26.74 9.26 9.83
C GLU B 129 -28.23 9.58 9.79
N GLN B 130 -28.97 9.06 10.77
CA GLN B 130 -30.40 9.30 10.85
C GLN B 130 -30.68 10.75 11.25
N GLU B 140 -44.88 4.49 10.03
CA GLU B 140 -44.29 3.97 11.26
C GLU B 140 -44.71 2.53 11.49
N LYS B 141 -46.01 2.28 11.50
CA LYS B 141 -46.52 0.92 11.57
C LYS B 141 -46.03 0.14 10.38
N ASP B 142 -45.91 0.83 9.24
CA ASP B 142 -45.48 0.21 8.00
C ASP B 142 -44.07 -0.37 8.14
N MET B 143 -43.23 0.33 8.90
CA MET B 143 -41.82 -0.02 9.01
C MET B 143 -41.60 -1.39 9.64
N ASN B 144 -41.96 -1.53 10.90
CA ASN B 144 -41.76 -2.79 11.61
C ASN B 144 -42.22 -3.98 10.79
N LYS B 145 -43.14 -3.73 9.86
CA LYS B 145 -43.59 -4.76 8.94
C LYS B 145 -42.47 -5.12 7.96
N ILE B 146 -41.83 -4.09 7.41
CA ILE B 146 -40.68 -4.30 6.54
C ILE B 146 -39.50 -4.88 7.33
N LYS B 147 -39.19 -4.24 8.45
CA LYS B 147 -38.06 -4.66 9.28
C LYS B 147 -38.14 -6.16 9.59
N GLU B 148 -39.34 -6.64 9.92
CA GLU B 148 -39.52 -8.03 10.29
C GLU B 148 -39.34 -8.95 9.09
N LYS B 149 -39.71 -8.47 7.91
CA LYS B 149 -39.54 -9.25 6.68
C LYS B 149 -38.06 -9.35 6.37
N ILE B 150 -37.37 -8.21 6.45
CA ILE B 150 -35.93 -8.15 6.27
C ILE B 150 -35.22 -9.07 7.24
N ARG B 151 -35.64 -9.01 8.50
CA ARG B 151 -35.03 -9.80 9.57
C ARG B 151 -35.14 -11.30 9.27
N ARG B 152 -36.32 -11.73 8.81
CA ARG B 152 -36.54 -13.13 8.48
C ARG B 152 -35.67 -13.56 7.30
N LEU B 153 -35.55 -12.69 6.30
CA LEU B 153 -34.71 -12.98 5.14
C LEU B 153 -33.26 -13.18 5.55
N CYS B 154 -32.78 -12.32 6.44
CA CYS B 154 -31.41 -12.42 6.95
C CYS B 154 -31.20 -13.78 7.62
N GLU B 155 -32.21 -14.22 8.36
CA GLU B 155 -32.15 -15.48 9.07
C GLU B 155 -32.12 -16.65 8.09
N THR B 156 -32.89 -16.52 7.02
CA THR B 156 -32.94 -17.54 5.99
C THR B 156 -31.63 -17.67 5.23
N VAL B 157 -31.21 -16.56 4.64
CA VAL B 157 -30.08 -16.55 3.72
C VAL B 157 -28.73 -16.72 4.41
N HIS B 158 -28.55 -16.08 5.57
CA HIS B 158 -27.26 -16.08 6.25
C HIS B 158 -27.27 -16.87 7.56
N ASN B 159 -28.46 -17.30 8.00
CA ASN B 159 -28.59 -17.86 9.33
C ASN B 159 -28.08 -16.84 10.35
N LYS B 160 -28.38 -15.57 10.08
CA LYS B 160 -27.96 -14.47 10.94
C LYS B 160 -29.17 -13.93 11.69
N HIS B 161 -29.15 -14.08 13.01
CA HIS B 161 -30.30 -13.71 13.84
C HIS B 161 -30.20 -12.28 14.35
N LEU B 162 -30.50 -11.32 13.47
CA LEU B 162 -30.55 -9.92 13.86
C LEU B 162 -31.82 -9.65 14.66
N ASP B 163 -31.73 -8.71 15.60
CA ASP B 163 -32.89 -8.31 16.40
C ASP B 163 -33.61 -7.17 15.70
N LEU B 164 -34.91 -7.05 15.95
CA LEU B 164 -35.75 -6.09 15.22
C LEU B 164 -35.19 -4.67 15.27
N GLU B 165 -34.66 -4.28 16.43
CA GLU B 165 -34.14 -2.91 16.60
C GLU B 165 -32.78 -2.72 15.92
N ASN B 166 -32.16 -3.83 15.51
CA ASN B 166 -30.90 -3.76 14.77
C ASN B 166 -31.11 -3.80 13.26
N ILE B 167 -32.37 -3.74 12.83
CA ILE B 167 -32.68 -3.73 11.40
C ILE B 167 -32.66 -2.29 10.91
N THR B 168 -31.45 -1.76 10.73
CA THR B 168 -31.26 -0.38 10.29
C THR B 168 -30.37 -0.33 9.08
N THR B 169 -30.29 0.84 8.45
CA THR B 169 -29.41 1.05 7.31
C THR B 169 -27.95 0.86 7.73
N GLY B 170 -27.60 1.43 8.88
CA GLY B 170 -26.25 1.34 9.39
C GLY B 170 -25.83 -0.10 9.65
N HIS B 171 -26.73 -0.87 10.26
CA HIS B 171 -26.45 -2.26 10.58
C HIS B 171 -26.29 -3.13 9.32
N LEU B 172 -27.23 -3.00 8.40
CA LEU B 172 -27.23 -3.84 7.20
C LEU B 172 -26.12 -3.45 6.24
N ALA B 173 -25.83 -2.16 6.14
CA ALA B 173 -24.70 -1.70 5.34
C ALA B 173 -23.43 -2.34 5.89
N MET B 174 -23.30 -2.31 7.21
CA MET B 174 -22.14 -2.90 7.88
C MET B 174 -22.08 -4.40 7.61
N GLU B 175 -23.25 -5.04 7.66
CA GLU B 175 -23.33 -6.50 7.52
C GLU B 175 -23.04 -6.92 6.08
N THR B 176 -23.40 -6.06 5.12
CA THR B 176 -23.11 -6.31 3.73
C THR B 176 -21.59 -6.28 3.53
N LEU B 177 -20.96 -5.21 4.00
CA LEU B 177 -19.53 -5.02 3.83
C LEU B 177 -18.71 -6.07 4.59
N LEU B 178 -19.25 -6.56 5.70
CA LEU B 178 -18.59 -7.65 6.43
C LEU B 178 -18.71 -8.94 5.65
N SER B 179 -19.87 -9.17 5.05
CA SER B 179 -20.11 -10.38 4.28
C SER B 179 -19.27 -10.40 3.00
N LEU B 180 -19.10 -9.23 2.40
CA LEU B 180 -18.30 -9.10 1.18
C LEU B 180 -16.80 -9.29 1.44
N THR B 181 -16.40 -9.19 2.71
CA THR B 181 -14.98 -9.25 3.06
C THR B 181 -14.68 -10.37 4.05
N SER B 182 -15.51 -11.40 4.08
CA SER B 182 -15.29 -12.53 4.98
C SER B 182 -14.36 -13.55 4.33
N LYS B 183 -14.00 -14.59 5.06
CA LYS B 183 -13.22 -15.70 4.51
C LYS B 183 -13.93 -16.25 3.27
N ARG B 184 -15.20 -16.62 3.47
CA ARG B 184 -16.03 -17.15 2.40
C ARG B 184 -15.90 -16.35 1.11
N ALA B 185 -15.80 -15.03 1.24
CA ALA B 185 -15.87 -14.12 0.11
C ALA B 185 -14.53 -14.05 -0.63
N GLY B 186 -13.45 -14.37 0.07
CA GLY B 186 -12.12 -14.20 -0.48
C GLY B 186 -11.64 -12.79 -0.24
N ASP B 187 -10.67 -12.35 -1.03
CA ASP B 187 -10.01 -11.07 -0.79
C ASP B 187 -10.36 -10.00 -1.83
N TRP B 188 -11.18 -10.34 -2.82
CA TRP B 188 -11.46 -9.40 -3.90
C TRP B 188 -11.85 -8.01 -3.40
N PHE B 189 -12.78 -7.96 -2.45
CA PHE B 189 -13.29 -6.68 -1.97
C PHE B 189 -12.40 -6.04 -0.91
N LYS B 190 -11.68 -6.85 -0.14
CA LYS B 190 -10.66 -6.32 0.74
C LYS B 190 -9.69 -5.46 -0.06
N GLU B 191 -9.26 -5.99 -1.21
CA GLU B 191 -8.30 -5.30 -2.06
C GLU B 191 -8.94 -4.12 -2.77
N GLU B 192 -10.19 -4.27 -3.16
CA GLU B 192 -10.88 -3.25 -3.96
C GLU B 192 -11.33 -2.05 -3.12
N LEU B 193 -11.68 -2.28 -1.86
CA LEU B 193 -12.08 -1.20 -0.98
C LEU B 193 -10.93 -0.22 -0.80
N ARG B 194 -9.72 -0.76 -0.69
CA ARG B 194 -8.52 0.06 -0.59
C ARG B 194 -8.30 0.86 -1.87
N LEU B 195 -8.28 0.18 -3.01
CA LEU B 195 -7.92 0.80 -4.29
C LEU B 195 -8.99 1.77 -4.78
N LEU B 196 -10.25 1.51 -4.40
CA LEU B 196 -11.34 2.42 -4.73
C LEU B 196 -11.25 3.69 -3.89
N GLY B 197 -10.49 3.62 -2.80
CA GLY B 197 -10.44 4.71 -1.83
C GLY B 197 -11.55 4.57 -0.81
N GLY B 198 -12.19 3.40 -0.78
CA GLY B 198 -13.28 3.16 0.14
C GLY B 198 -12.83 3.23 1.60
N LEU B 199 -11.67 2.67 1.88
CA LEU B 199 -11.12 2.70 3.23
C LEU B 199 -10.87 4.13 3.69
N ASP B 200 -10.51 5.00 2.75
CA ASP B 200 -10.30 6.41 3.07
C ASP B 200 -11.54 6.99 3.73
N HIS B 201 -12.70 6.68 3.16
CA HIS B 201 -13.96 7.25 3.60
C HIS B 201 -14.39 6.68 4.95
N ILE B 202 -14.12 5.39 5.17
CA ILE B 202 -14.50 4.73 6.41
C ILE B 202 -13.64 5.24 7.57
N VAL B 203 -12.36 5.47 7.31
CA VAL B 203 -11.47 6.02 8.33
C VAL B 203 -11.86 7.46 8.64
N ASP B 204 -12.23 8.21 7.60
CA ASP B 204 -12.71 9.58 7.78
C ASP B 204 -13.95 9.60 8.64
N LYS B 205 -14.82 8.62 8.41
CA LYS B 205 -16.04 8.49 9.20
C LYS B 205 -15.70 8.27 10.66
N VAL B 206 -14.73 7.41 10.92
CA VAL B 206 -14.31 7.12 12.29
C VAL B 206 -13.80 8.37 12.98
N LYS B 207 -13.03 9.19 12.25
CA LYS B 207 -12.49 10.41 12.84
C LYS B 207 -13.60 11.37 13.22
N GLU B 208 -14.58 11.52 12.33
CA GLU B 208 -15.71 12.41 12.57
C GLU B 208 -16.41 12.02 13.87
N CYS B 209 -16.80 10.75 13.97
CA CYS B 209 -17.51 10.25 15.14
C CYS B 209 -16.71 10.43 16.43
N VAL B 210 -15.44 10.02 16.40
CA VAL B 210 -14.59 10.08 17.59
C VAL B 210 -14.40 11.52 18.07
N ASP B 211 -14.36 12.45 17.13
CA ASP B 211 -14.24 13.87 17.47
C ASP B 211 -15.50 14.37 18.19
N HIS B 212 -16.61 13.68 17.99
CA HIS B 212 -17.87 14.05 18.64
C HIS B 212 -17.95 13.52 20.08
N LEU B 213 -17.14 12.51 20.40
CA LEU B 213 -17.08 12.01 21.77
C LEU B 213 -16.46 13.07 22.67
N SER B 214 -15.56 13.87 22.11
CA SER B 214 -14.91 14.94 22.86
C SER B 214 -15.79 16.19 22.98
N ARG B 215 -17.04 16.09 22.53
CA ARG B 215 -17.99 17.19 22.67
C ARG B 215 -18.97 16.90 23.79
N ASP B 216 -19.63 17.95 24.27
CA ASP B 216 -20.73 17.79 25.21
C ASP B 216 -21.90 17.17 24.46
N GLU B 217 -22.18 15.91 24.75
CA GLU B 217 -23.20 15.17 24.01
C GLU B 217 -24.27 14.59 24.93
N ASP B 218 -25.53 14.78 24.54
CA ASP B 218 -26.63 14.11 25.22
C ASP B 218 -26.58 12.64 24.83
N GLU B 219 -27.23 11.79 25.61
CA GLU B 219 -27.06 10.35 25.49
C GLU B 219 -27.35 9.79 24.10
N GLU B 220 -28.29 10.38 23.37
CA GLU B 220 -28.63 9.87 22.04
C GLU B 220 -27.55 10.20 21.01
N LYS B 221 -27.01 11.42 21.06
CA LYS B 221 -25.93 11.79 20.16
C LYS B 221 -24.73 10.89 20.47
N LEU B 222 -24.49 10.69 21.77
CA LEU B 222 -23.36 9.90 22.23
C LEU B 222 -23.40 8.49 21.66
N VAL B 223 -24.55 7.84 21.81
CA VAL B 223 -24.74 6.48 21.33
C VAL B 223 -24.59 6.42 19.81
N ALA B 224 -25.03 7.47 19.14
CA ALA B 224 -24.95 7.54 17.67
C ALA B 224 -23.49 7.66 17.24
N SER B 225 -22.74 8.50 17.94
CA SER B 225 -21.32 8.68 17.67
C SER B 225 -20.55 7.39 17.93
N LEU B 226 -20.84 6.75 19.05
CA LEU B 226 -20.19 5.50 19.42
C LEU B 226 -20.51 4.40 18.40
N TRP B 227 -21.72 4.44 17.85
CA TRP B 227 -22.17 3.45 16.89
C TRP B 227 -21.59 3.72 15.50
N GLY B 228 -21.41 4.99 15.17
CA GLY B 228 -20.77 5.38 13.94
C GLY B 228 -19.36 4.83 13.88
N ALA B 229 -18.59 5.08 14.94
CA ALA B 229 -17.23 4.59 15.05
C ALA B 229 -17.17 3.06 14.97
N GLU B 230 -18.08 2.39 15.67
CA GLU B 230 -18.08 0.93 15.72
C GLU B 230 -18.42 0.33 14.36
N ARG B 231 -19.47 0.84 13.74
CA ARG B 231 -19.86 0.44 12.40
C ARG B 231 -18.62 0.31 11.52
N CYS B 232 -17.94 1.43 11.37
CA CYS B 232 -16.78 1.54 10.51
C CYS B 232 -15.60 0.68 11.00
N LEU B 233 -15.25 0.84 12.26
CA LEU B 233 -14.12 0.12 12.85
C LEU B 233 -14.22 -1.39 12.62
N ARG B 234 -15.45 -1.92 12.63
CA ARG B 234 -15.66 -3.35 12.45
C ARG B 234 -15.38 -3.79 11.02
N VAL B 235 -15.63 -2.89 10.07
CA VAL B 235 -15.32 -3.17 8.67
C VAL B 235 -13.80 -3.15 8.47
N LEU B 236 -13.14 -2.20 9.13
CA LEU B 236 -11.69 -2.07 9.04
C LEU B 236 -10.99 -3.28 9.65
N GLU B 237 -11.57 -3.86 10.70
CA GLU B 237 -11.03 -5.08 11.28
C GLU B 237 -11.16 -6.22 10.27
N SER B 238 -12.26 -6.23 9.54
CA SER B 238 -12.53 -7.29 8.57
C SER B 238 -11.52 -7.29 7.43
N VAL B 239 -11.32 -6.13 6.82
CA VAL B 239 -10.43 -6.02 5.65
C VAL B 239 -8.96 -6.23 6.00
N THR B 240 -8.63 -6.25 7.29
CA THR B 240 -7.24 -6.39 7.70
C THR B 240 -6.90 -7.81 8.16
N VAL B 241 -7.90 -8.69 8.17
CA VAL B 241 -7.66 -10.09 8.48
C VAL B 241 -6.86 -10.73 7.35
N HIS B 242 -5.71 -11.30 7.70
CA HIS B 242 -4.81 -11.90 6.71
C HIS B 242 -4.70 -10.99 5.50
N ASN B 243 -4.28 -9.74 5.72
CA ASN B 243 -4.13 -8.79 4.63
C ASN B 243 -3.16 -7.67 5.00
N PRO B 244 -1.86 -7.99 4.99
CA PRO B 244 -0.77 -7.05 5.31
C PRO B 244 -0.86 -5.72 4.57
N GLU B 245 -1.31 -5.73 3.31
CA GLU B 245 -1.42 -4.51 2.53
C GLU B 245 -2.40 -3.53 3.18
N ASN B 246 -3.58 -4.01 3.52
CA ASN B 246 -4.58 -3.18 4.16
C ASN B 246 -4.10 -2.70 5.53
N GLN B 247 -3.34 -3.55 6.22
CA GLN B 247 -2.77 -3.17 7.50
C GLN B 247 -1.83 -1.97 7.30
N SER B 248 -0.92 -2.09 6.34
CA SER B 248 0.02 -1.02 6.05
C SER B 248 -0.70 0.24 5.57
N TYR B 249 -1.66 0.07 4.68
CA TYR B 249 -2.39 1.21 4.13
C TYR B 249 -3.06 2.02 5.24
N LEU B 250 -3.74 1.31 6.14
CA LEU B 250 -4.46 1.96 7.22
C LEU B 250 -3.52 2.56 8.27
N ILE B 251 -2.37 1.93 8.46
CA ILE B 251 -1.36 2.48 9.35
C ILE B 251 -0.80 3.79 8.77
N ALA B 252 -0.78 3.88 7.45
CA ALA B 252 -0.18 5.03 6.75
C ALA B 252 -1.17 6.17 6.54
N TYR B 253 -2.39 5.83 6.14
CA TYR B 253 -3.37 6.82 5.68
C TYR B 253 -3.46 8.05 6.59
N LYS B 254 -3.42 9.23 5.96
CA LYS B 254 -3.44 10.53 6.66
C LYS B 254 -2.72 10.52 8.01
N ASP B 255 -1.40 10.38 7.96
CA ASP B 255 -0.57 10.40 9.16
C ASP B 255 -1.11 9.44 10.22
N SER B 256 -1.51 8.25 9.80
CA SER B 256 -1.94 7.21 10.72
C SER B 256 -3.16 7.69 11.49
N GLN B 257 -4.11 8.27 10.76
CA GLN B 257 -5.31 8.84 11.35
C GLN B 257 -6.14 7.79 12.09
N LEU B 258 -6.17 6.58 11.55
CA LEU B 258 -6.98 5.50 12.13
C LEU B 258 -6.48 5.15 13.53
N ILE B 259 -5.16 5.09 13.69
CA ILE B 259 -4.56 4.75 14.95
C ILE B 259 -4.67 5.90 15.95
N VAL B 260 -4.48 7.12 15.46
CA VAL B 260 -4.62 8.30 16.30
C VAL B 260 -6.02 8.39 16.86
N SER B 261 -7.02 8.30 15.98
CA SER B 261 -8.42 8.37 16.40
C SER B 261 -8.82 7.19 17.26
N SER B 262 -8.27 6.01 16.95
CA SER B 262 -8.61 4.79 17.68
C SER B 262 -8.17 4.86 19.14
N ALA B 263 -6.97 5.39 19.37
CA ALA B 263 -6.45 5.51 20.72
C ALA B 263 -7.23 6.57 21.49
N LYS B 264 -7.45 7.71 20.84
CA LYS B 264 -8.27 8.77 21.40
C LYS B 264 -9.63 8.24 21.82
N ALA B 265 -10.21 7.38 20.98
CA ALA B 265 -11.54 6.83 21.23
C ALA B 265 -11.52 5.82 22.38
N LEU B 266 -10.46 5.03 22.47
CA LEU B 266 -10.38 4.01 23.52
C LEU B 266 -10.28 4.67 24.90
N GLN B 267 -9.60 5.82 24.95
CA GLN B 267 -9.45 6.57 26.19
C GLN B 267 -10.81 7.13 26.64
N HIS B 268 -11.54 7.70 25.70
CA HIS B 268 -12.87 8.23 25.98
C HIS B 268 -13.80 7.13 26.48
N CYS B 269 -13.82 6.00 25.78
CA CYS B 269 -14.66 4.88 26.18
C CYS B 269 -14.26 4.39 27.57
N GLU B 270 -12.97 4.39 27.84
CA GLU B 270 -12.45 3.94 29.12
C GLU B 270 -12.98 4.82 30.26
N GLU B 271 -13.21 6.10 29.96
CA GLU B 271 -13.75 7.04 30.94
C GLU B 271 -15.27 6.99 30.99
N LEU B 272 -15.89 6.89 29.82
CA LEU B 272 -17.35 6.88 29.72
C LEU B 272 -17.96 5.69 30.44
N ILE B 273 -17.38 4.52 30.26
CA ILE B 273 -17.94 3.29 30.81
C ILE B 273 -18.12 3.36 32.33
N GLN B 274 -17.34 4.22 32.96
CA GLN B 274 -17.40 4.38 34.40
C GLN B 274 -18.59 5.24 34.84
N GLN B 275 -19.35 5.73 33.87
CA GLN B 275 -20.48 6.60 34.16
C GLN B 275 -21.81 5.97 33.78
N TYR B 276 -21.78 4.75 33.25
CA TYR B 276 -22.99 4.12 32.76
C TYR B 276 -23.14 2.66 33.24
N ASN B 277 -24.00 1.90 32.58
CA ASN B 277 -24.46 0.61 33.10
C ASN B 277 -25.10 0.81 34.47
N ARG B 278 -26.05 1.74 34.52
CA ARG B 278 -26.74 2.10 35.76
C ARG B 278 -27.95 1.20 35.99
N ALA B 279 -28.53 1.28 37.18
CA ALA B 279 -29.68 0.46 37.53
C ALA B 279 -30.93 0.94 36.80
N GLU B 280 -31.99 0.14 36.88
CA GLU B 280 -33.23 0.44 36.18
C GLU B 280 -34.31 0.91 37.14
N ASN B 298 -31.25 5.71 26.71
CA ASN B 298 -30.66 4.68 25.87
C ASN B 298 -29.82 3.73 26.71
N HIS B 299 -29.33 2.65 26.10
CA HIS B 299 -28.43 1.72 26.77
C HIS B 299 -26.99 2.10 26.45
N VAL B 300 -26.52 3.18 27.08
CA VAL B 300 -25.25 3.79 26.72
C VAL B 300 -24.05 2.88 27.00
N GLY B 301 -24.06 2.22 28.14
CA GLY B 301 -22.93 1.40 28.55
C GLY B 301 -22.68 0.25 27.61
N LYS B 302 -23.75 -0.32 27.06
CA LYS B 302 -23.64 -1.40 26.10
C LYS B 302 -22.98 -0.90 24.81
N ALA B 303 -23.26 0.35 24.46
CA ALA B 303 -22.73 0.95 23.24
C ALA B 303 -21.26 1.33 23.42
N VAL B 304 -20.91 1.78 24.62
CA VAL B 304 -19.53 2.13 24.92
C VAL B 304 -18.64 0.89 24.85
N GLU B 305 -19.12 -0.20 25.44
CA GLU B 305 -18.36 -1.44 25.47
C GLU B 305 -18.28 -2.06 24.08
N ASP B 306 -19.36 -1.97 23.31
CA ASP B 306 -19.35 -2.47 21.94
C ASP B 306 -18.29 -1.74 21.13
N CYS B 307 -18.23 -0.42 21.30
CA CYS B 307 -17.27 0.40 20.59
C CYS B 307 -15.84 0.04 21.04
N MET B 308 -15.68 -0.21 22.34
CA MET B 308 -14.37 -0.57 22.87
C MET B 308 -13.82 -1.83 22.21
N ARG B 309 -14.66 -2.86 22.11
CA ARG B 309 -14.25 -4.12 21.51
C ARG B 309 -13.87 -3.97 20.04
N ALA B 310 -14.57 -3.07 19.34
CA ALA B 310 -14.29 -2.80 17.95
C ALA B 310 -12.94 -2.10 17.80
N ILE B 311 -12.73 -1.07 18.62
CA ILE B 311 -11.48 -0.32 18.59
C ILE B 311 -10.28 -1.23 18.79
N ILE B 312 -10.31 -2.03 19.85
CA ILE B 312 -9.21 -2.91 20.18
C ILE B 312 -8.98 -3.92 19.06
N GLY B 313 -10.06 -4.42 18.48
CA GLY B 313 -9.98 -5.38 17.39
C GLY B 313 -9.16 -4.85 16.22
N VAL B 314 -9.43 -3.60 15.83
CA VAL B 314 -8.64 -2.94 14.80
C VAL B 314 -7.17 -2.86 15.21
N LEU B 315 -6.93 -2.35 16.43
CA LEU B 315 -5.57 -2.17 16.91
C LEU B 315 -4.81 -3.49 16.96
N LEU B 316 -5.51 -4.58 17.27
CA LEU B 316 -4.88 -5.90 17.31
C LEU B 316 -4.37 -6.28 15.92
N ASN B 317 -5.18 -6.01 14.90
CA ASN B 317 -4.83 -6.38 13.53
C ASN B 317 -3.74 -5.49 12.93
N LEU B 318 -3.59 -4.28 13.45
CA LEU B 318 -2.56 -3.36 12.95
C LEU B 318 -1.23 -3.55 13.67
N THR B 319 -1.25 -4.25 14.79
CA THR B 319 -0.05 -4.42 15.60
C THR B 319 0.36 -5.88 15.75
N ASN B 320 -0.44 -6.78 15.23
CA ASN B 320 -0.18 -8.22 15.37
C ASN B 320 1.18 -8.62 14.82
N ASP B 321 1.44 -8.30 13.55
CA ASP B 321 2.71 -8.63 12.91
C ASP B 321 3.43 -7.42 12.33
N ASN B 322 2.75 -6.28 12.31
CA ASN B 322 3.32 -5.06 11.75
C ASN B 322 3.89 -4.19 12.86
N GLU B 323 5.22 -4.06 12.90
CA GLU B 323 5.87 -3.39 14.02
C GLU B 323 5.84 -1.87 13.90
N TRP B 324 5.65 -1.35 12.70
CA TRP B 324 5.40 0.09 12.56
C TRP B 324 4.05 0.40 13.19
N GLY B 325 3.11 -0.50 13.01
CA GLY B 325 1.81 -0.38 13.67
C GLY B 325 1.95 -0.40 15.18
N SER B 326 2.70 -1.38 15.67
CA SER B 326 2.96 -1.48 17.11
C SER B 326 3.63 -0.22 17.63
N THR B 327 4.59 0.29 16.87
CA THR B 327 5.31 1.50 17.27
C THR B 327 4.40 2.72 17.31
N LYS B 328 3.63 2.92 16.24
CA LYS B 328 2.78 4.10 16.13
C LYS B 328 1.64 4.06 17.15
N THR B 329 1.08 2.88 17.36
CA THR B 329 -0.01 2.70 18.32
C THR B 329 0.50 2.95 19.75
N GLY B 330 1.58 2.27 20.10
CA GLY B 330 2.15 2.38 21.44
C GLY B 330 2.53 3.79 21.84
N GLU B 331 2.85 4.63 20.85
CA GLU B 331 3.32 5.98 21.14
C GLU B 331 2.20 7.01 21.17
N GLN B 332 0.96 6.56 21.04
CA GLN B 332 -0.18 7.45 21.20
C GLN B 332 -0.35 7.80 22.67
N ASP B 333 -0.64 9.07 22.94
CA ASP B 333 -0.77 9.56 24.31
C ASP B 333 -1.72 8.70 25.13
N GLY B 334 -1.15 7.99 26.11
CA GLY B 334 -1.94 7.30 27.11
C GLY B 334 -2.50 5.93 26.73
N LEU B 335 -2.16 5.42 25.55
CA LEU B 335 -2.81 4.19 25.10
C LEU B 335 -2.40 2.96 25.90
N ILE B 336 -1.10 2.73 26.05
CA ILE B 336 -0.64 1.59 26.80
C ILE B 336 -1.26 1.59 28.20
N GLY B 337 -1.32 2.78 28.81
CA GLY B 337 -2.00 2.92 30.08
C GLY B 337 -3.48 2.60 29.97
N THR B 338 -4.11 3.07 28.89
CA THR B 338 -5.53 2.84 28.67
C THR B 338 -5.80 1.36 28.44
N ALA B 339 -4.90 0.70 27.72
CA ALA B 339 -5.02 -0.74 27.47
C ALA B 339 -4.94 -1.48 28.80
N LEU B 340 -3.99 -1.08 29.63
CA LEU B 340 -3.81 -1.72 30.94
C LEU B 340 -5.06 -1.52 31.79
N ASN B 341 -5.73 -0.38 31.62
CA ASN B 341 -6.97 -0.11 32.34
C ASN B 341 -8.14 -0.96 31.85
N CYS B 342 -8.16 -1.26 30.55
CA CYS B 342 -9.22 -2.10 30.01
C CYS B 342 -9.17 -3.48 30.67
N VAL B 343 -7.97 -3.86 31.12
CA VAL B 343 -7.78 -5.16 31.77
C VAL B 343 -8.05 -5.08 33.27
N LEU B 344 -7.51 -4.04 33.92
CA LEU B 344 -7.56 -3.95 35.37
C LEU B 344 -8.77 -3.17 35.89
N GLN B 345 -9.13 -2.08 35.22
CA GLN B 345 -10.10 -1.13 35.73
C GLN B 345 -11.52 -1.32 35.16
N VAL B 346 -11.62 -1.59 33.87
CA VAL B 346 -12.90 -1.52 33.16
C VAL B 346 -13.90 -2.64 33.48
N PRO B 347 -13.42 -3.89 33.59
CA PRO B 347 -14.32 -5.05 33.75
C PRO B 347 -15.40 -4.90 34.82
N LYS B 348 -15.05 -4.42 36.01
CA LYS B 348 -16.02 -4.35 37.11
C LYS B 348 -17.15 -3.38 36.81
N TYR B 349 -16.95 -2.52 35.81
CA TYR B 349 -18.01 -1.60 35.37
C TYR B 349 -18.93 -2.26 34.35
N LEU B 350 -18.57 -3.46 33.90
CA LEU B 350 -19.37 -4.20 32.95
C LEU B 350 -20.09 -5.35 33.64
N PRO B 351 -21.19 -5.83 33.03
CA PRO B 351 -21.80 -7.08 33.47
C PRO B 351 -20.80 -8.24 33.37
N GLN B 352 -20.91 -9.20 34.27
CA GLN B 352 -19.94 -10.29 34.34
C GLN B 352 -19.69 -10.95 32.99
N GLU B 353 -20.76 -11.22 32.25
CA GLU B 353 -20.68 -11.87 30.94
C GLU B 353 -19.65 -11.22 30.01
N GLN B 354 -19.50 -9.90 30.09
CA GLN B 354 -18.66 -9.15 29.15
C GLN B 354 -17.19 -9.05 29.60
N ARG B 355 -16.90 -9.46 30.81
CA ARG B 355 -15.59 -9.18 31.42
C ARG B 355 -14.46 -10.00 30.82
N PHE B 356 -14.72 -11.26 30.53
CA PHE B 356 -13.69 -12.16 30.01
C PHE B 356 -13.15 -11.62 28.69
N ASP B 357 -14.06 -11.23 27.80
CA ASP B 357 -13.69 -10.78 26.47
C ASP B 357 -12.77 -9.56 26.55
N ILE B 358 -13.16 -8.57 27.34
CA ILE B 358 -12.43 -7.32 27.41
C ILE B 358 -11.07 -7.51 28.06
N ARG B 359 -10.97 -8.46 28.98
CA ARG B 359 -9.70 -8.77 29.62
C ARG B 359 -8.74 -9.41 28.62
N VAL B 360 -9.24 -10.34 27.82
CA VAL B 360 -8.41 -11.02 26.83
C VAL B 360 -8.00 -10.08 25.71
N LEU B 361 -8.92 -9.23 25.28
CA LEU B 361 -8.63 -8.27 24.23
C LEU B 361 -7.52 -7.32 24.66
N GLY B 362 -7.63 -6.78 25.88
CA GLY B 362 -6.65 -5.84 26.39
C GLY B 362 -5.28 -6.46 26.56
N LEU B 363 -5.23 -7.64 27.16
CA LEU B 363 -3.98 -8.35 27.37
C LEU B 363 -3.33 -8.66 26.02
N GLY B 364 -4.14 -9.06 25.05
CA GLY B 364 -3.65 -9.36 23.72
C GLY B 364 -2.98 -8.15 23.09
N LEU B 365 -3.62 -7.00 23.22
CA LEU B 365 -3.07 -5.77 22.66
C LEU B 365 -1.73 -5.42 23.31
N LEU B 366 -1.66 -5.54 24.63
CA LEU B 366 -0.43 -5.28 25.35
C LEU B 366 0.70 -6.17 24.86
N ILE B 367 0.42 -7.46 24.70
CA ILE B 367 1.43 -8.41 24.21
C ILE B 367 1.93 -7.98 22.83
N ASN B 368 1.01 -7.62 21.94
CA ASN B 368 1.37 -7.14 20.61
C ASN B 368 2.34 -5.98 20.68
N LEU B 369 2.07 -5.04 21.60
CA LEU B 369 2.84 -3.82 21.70
C LEU B 369 4.24 -4.03 22.27
N VAL B 370 4.41 -5.08 23.08
CA VAL B 370 5.69 -5.31 23.74
C VAL B 370 6.45 -6.51 23.17
N GLU B 371 5.89 -7.15 22.15
CA GLU B 371 6.54 -8.31 21.57
C GLU B 371 7.95 -7.99 21.11
N TYR B 372 8.10 -6.92 20.34
CA TYR B 372 9.40 -6.53 19.81
C TYR B 372 9.80 -5.10 20.16
N SER B 373 8.82 -4.23 20.40
CA SER B 373 9.11 -2.82 20.63
C SER B 373 9.76 -2.58 21.99
N ALA B 374 11.01 -2.10 21.96
CA ALA B 374 11.72 -1.75 23.19
C ALA B 374 11.04 -0.57 23.86
N ARG B 375 10.66 0.43 23.07
CA ARG B 375 10.06 1.64 23.61
C ARG B 375 8.71 1.37 24.29
N ASN B 376 7.87 0.57 23.64
CA ASN B 376 6.59 0.19 24.25
C ASN B 376 6.82 -0.58 25.55
N ARG B 377 7.80 -1.48 25.51
CA ARG B 377 8.14 -2.29 26.67
C ARG B 377 8.61 -1.40 27.82
N HIS B 378 9.45 -0.42 27.51
CA HIS B 378 9.91 0.54 28.50
C HIS B 378 8.72 1.26 29.12
N CYS B 379 7.81 1.69 28.25
CA CYS B 379 6.65 2.47 28.68
C CYS B 379 5.75 1.67 29.62
N LEU B 380 5.49 0.40 29.29
CA LEU B 380 4.63 -0.43 30.12
C LEU B 380 5.27 -0.69 31.49
N VAL B 381 6.54 -1.08 31.48
CA VAL B 381 7.25 -1.37 32.72
C VAL B 381 7.27 -0.16 33.64
N ASN B 382 7.76 0.96 33.12
CA ASN B 382 7.87 2.18 33.91
C ASN B 382 6.57 2.95 33.95
N MET B 383 5.49 2.25 34.34
CA MET B 383 4.17 2.85 34.41
C MET B 383 3.43 2.39 35.65
N GLU B 384 2.57 3.27 36.16
CA GLU B 384 1.84 2.99 37.40
C GLU B 384 0.34 3.09 37.18
N THR B 385 -0.42 2.32 37.97
CA THR B 385 -1.87 2.30 37.87
C THR B 385 -2.54 2.02 39.21
N SER B 386 -3.86 2.10 39.23
CA SER B 386 -4.65 1.81 40.42
C SER B 386 -5.04 0.33 40.43
N CYS B 387 -5.37 -0.20 41.61
CA CYS B 387 -5.63 -1.64 41.74
C CYS B 387 -6.77 -2.00 42.67
N SER B 388 -7.38 -3.15 42.41
CA SER B 388 -8.46 -3.69 43.22
C SER B 388 -8.05 -5.03 43.80
N PHE B 389 -6.82 -5.11 44.28
CA PHE B 389 -6.28 -6.35 44.79
C PHE B 389 -6.07 -6.27 46.31
N HIS B 409 5.11 -0.30 38.64
CA HIS B 409 3.87 -0.76 39.26
C HIS B 409 3.13 -1.71 38.31
N ALA B 410 3.24 -1.45 37.01
CA ALA B 410 2.52 -2.25 36.01
C ALA B 410 2.83 -3.73 36.14
N VAL B 411 4.11 -4.08 36.22
CA VAL B 411 4.50 -5.49 36.33
C VAL B 411 3.89 -6.11 37.58
N GLN B 412 3.94 -5.37 38.69
CA GLN B 412 3.39 -5.86 39.95
C GLN B 412 1.88 -6.06 39.83
N ALA B 413 1.21 -5.10 39.21
CA ALA B 413 -0.23 -5.19 39.00
C ALA B 413 -0.55 -6.46 38.23
N LEU B 414 0.23 -6.72 37.19
CA LEU B 414 -0.01 -7.87 36.33
C LEU B 414 0.26 -9.18 37.07
N VAL B 415 1.30 -9.21 37.89
CA VAL B 415 1.58 -10.40 38.68
C VAL B 415 0.44 -10.66 39.66
N GLN B 416 -0.09 -9.59 40.25
CA GLN B 416 -1.23 -9.70 41.15
C GLN B 416 -2.47 -10.14 40.38
N LEU B 417 -2.57 -9.69 39.14
CA LEU B 417 -3.68 -10.10 38.28
C LEU B 417 -3.60 -11.60 37.98
N PHE B 418 -2.39 -12.06 37.67
CA PHE B 418 -2.17 -13.48 37.43
C PHE B 418 -2.51 -14.30 38.67
N LEU B 419 -2.04 -13.84 39.82
CA LEU B 419 -2.26 -14.56 41.07
C LEU B 419 -3.75 -14.57 41.42
N GLU B 420 -4.40 -13.41 41.34
CA GLU B 420 -5.83 -13.32 41.60
C GLU B 420 -6.62 -14.31 40.75
N ARG B 421 -6.31 -14.35 39.45
CA ARG B 421 -7.09 -15.16 38.51
C ARG B 421 -6.76 -16.65 38.64
N GLU B 422 -5.50 -16.97 38.88
CA GLU B 422 -5.11 -18.33 39.20
C GLU B 422 -5.82 -18.73 40.49
N ARG B 423 -5.94 -17.76 41.39
CA ARG B 423 -6.67 -17.94 42.65
C ARG B 423 -8.12 -18.30 42.36
N ALA B 424 -8.81 -17.41 41.66
CA ALA B 424 -10.24 -17.57 41.39
C ALA B 424 -10.55 -18.78 40.52
N ALA B 425 -9.52 -19.33 39.87
CA ALA B 425 -9.69 -20.51 39.04
C ALA B 425 -9.82 -21.75 39.91
N GLN B 426 -9.03 -21.80 40.98
CA GLN B 426 -9.07 -22.92 41.92
C GLN B 426 -10.38 -22.95 42.68
N LEU B 427 -11.02 -21.79 42.78
CA LEU B 427 -12.24 -21.66 43.58
C LEU B 427 -13.48 -22.13 42.81
N ALA B 428 -13.45 -21.96 41.49
CA ALA B 428 -14.56 -22.42 40.65
C ALA B 428 -14.34 -23.88 40.28
N GLU B 429 -13.11 -24.36 40.48
CA GLU B 429 -12.83 -25.79 40.36
C GLU B 429 -13.42 -26.53 41.55
N SER B 430 -13.49 -25.84 42.69
CA SER B 430 -14.04 -26.41 43.90
C SER B 430 -15.56 -26.48 43.86
N LYS B 431 -16.18 -25.40 43.40
CA LYS B 431 -17.63 -25.30 43.38
C LYS B 431 -18.28 -26.24 42.36
N THR B 432 -17.50 -26.71 41.39
CA THR B 432 -17.99 -27.67 40.42
C THR B 432 -17.44 -29.07 40.71
N LYS B 485 -26.10 -25.81 35.02
CA LYS B 485 -26.47 -25.98 36.43
C LYS B 485 -25.33 -25.46 37.31
N ALA B 486 -24.40 -26.34 37.68
CA ALA B 486 -23.16 -25.90 38.29
C ALA B 486 -22.09 -25.84 37.20
N LEU B 487 -22.54 -25.67 35.97
CA LEU B 487 -21.64 -25.63 34.82
C LEU B 487 -21.12 -24.20 34.62
N GLN B 488 -21.97 -23.22 34.90
CA GLN B 488 -21.58 -21.83 34.83
C GLN B 488 -20.25 -21.63 35.55
N HIS B 489 -20.12 -22.27 36.70
CA HIS B 489 -18.91 -22.17 37.51
C HIS B 489 -17.69 -22.73 36.77
N ALA B 490 -17.87 -23.86 36.10
CA ALA B 490 -16.76 -24.50 35.39
C ALA B 490 -16.27 -23.61 34.25
N GLY B 491 -17.20 -22.94 33.57
CA GLY B 491 -16.84 -22.03 32.50
C GLY B 491 -16.14 -20.79 33.03
N LYS B 492 -16.63 -20.28 34.16
CA LYS B 492 -16.00 -19.14 34.80
C LYS B 492 -14.58 -19.51 35.20
N HIS B 493 -14.39 -20.78 35.59
CA HIS B 493 -13.07 -21.30 35.92
C HIS B 493 -12.17 -21.30 34.69
N MET B 494 -12.71 -21.69 33.55
CA MET B 494 -11.96 -21.67 32.29
C MET B 494 -11.52 -20.25 31.99
N GLU B 495 -12.48 -19.34 31.97
CA GLU B 495 -12.21 -17.93 31.70
C GLU B 495 -11.08 -17.40 32.57
N ASP B 496 -11.13 -17.72 33.86
CA ASP B 496 -10.12 -17.25 34.79
C ASP B 496 -8.74 -17.83 34.45
N CYS B 497 -8.71 -19.07 34.00
CA CYS B 497 -7.45 -19.72 33.62
C CYS B 497 -6.85 -19.09 32.37
N ILE B 498 -7.70 -18.78 31.40
CA ILE B 498 -7.26 -18.20 30.15
C ILE B 498 -6.69 -16.79 30.36
N VAL B 499 -7.33 -16.01 31.22
CA VAL B 499 -6.85 -14.67 31.53
C VAL B 499 -5.53 -14.74 32.29
N ALA B 500 -5.41 -15.71 33.18
CA ALA B 500 -4.17 -15.91 33.93
C ALA B 500 -3.06 -16.31 32.96
N SER B 501 -3.40 -17.15 31.99
CA SER B 501 -2.43 -17.61 31.00
C SER B 501 -1.89 -16.44 30.18
N TYR B 502 -2.79 -15.67 29.57
CA TYR B 502 -2.40 -14.51 28.79
C TYR B 502 -1.57 -13.54 29.62
N THR B 503 -1.92 -13.41 30.90
CA THR B 503 -1.17 -12.53 31.79
C THR B 503 0.23 -13.09 32.01
N ALA B 504 0.31 -14.40 32.20
CA ALA B 504 1.60 -15.07 32.37
C ALA B 504 2.43 -14.91 31.09
N LEU B 505 1.74 -14.91 29.95
CA LEU B 505 2.39 -14.79 28.67
C LEU B 505 2.98 -13.39 28.50
N LEU B 506 2.20 -12.38 28.87
CA LEU B 506 2.64 -10.99 28.79
C LEU B 506 3.87 -10.76 29.68
N LEU B 507 3.84 -11.34 30.87
CA LEU B 507 4.95 -11.24 31.80
C LEU B 507 6.15 -12.01 31.28
N GLY B 508 5.91 -13.24 30.82
CA GLY B 508 6.96 -14.05 30.24
C GLY B 508 7.69 -13.30 29.15
N CYS B 509 6.92 -12.61 28.31
CA CYS B 509 7.49 -11.84 27.20
C CYS B 509 8.38 -10.71 27.73
N LEU B 510 7.93 -10.04 28.79
CA LEU B 510 8.70 -8.98 29.41
C LEU B 510 9.98 -9.54 30.04
N CYS B 511 9.88 -10.74 30.60
CA CYS B 511 11.02 -11.38 31.25
C CYS B 511 12.10 -11.77 30.25
N GLN B 512 11.69 -12.25 29.08
CA GLN B 512 12.64 -12.64 28.04
C GLN B 512 13.49 -11.48 27.56
N GLU B 513 12.90 -10.29 27.57
CA GLU B 513 13.55 -9.12 26.98
C GLU B 513 14.55 -8.44 27.91
N SER B 514 14.52 -8.80 29.19
CA SER B 514 15.41 -8.18 30.16
C SER B 514 15.50 -8.98 31.46
N PRO B 515 16.72 -9.31 31.91
CA PRO B 515 16.92 -10.00 33.18
C PRO B 515 16.28 -9.23 34.33
N ILE B 516 16.34 -7.91 34.24
CA ILE B 516 15.80 -7.04 35.28
C ILE B 516 14.32 -7.31 35.54
N ASN B 517 13.58 -7.62 34.48
CA ASN B 517 12.16 -7.92 34.61
C ASN B 517 11.92 -9.25 35.31
N VAL B 518 12.86 -10.18 35.16
CA VAL B 518 12.78 -11.47 35.84
C VAL B 518 12.85 -11.24 37.34
N THR B 519 13.85 -10.47 37.75
CA THR B 519 14.03 -10.11 39.16
C THR B 519 12.74 -9.54 39.74
N THR B 520 12.14 -8.61 39.01
CA THR B 520 10.91 -7.96 39.45
C THR B 520 9.81 -8.99 39.67
N VAL B 521 9.52 -9.78 38.64
CA VAL B 521 8.46 -10.79 38.73
C VAL B 521 8.75 -11.80 39.83
N ARG B 522 10.03 -12.02 40.12
CA ARG B 522 10.42 -13.01 41.12
C ARG B 522 10.03 -12.57 42.53
N GLU B 523 10.23 -11.29 42.85
CA GLU B 523 9.95 -10.80 44.20
C GLU B 523 8.46 -10.80 44.50
N TYR B 524 7.64 -10.57 43.48
CA TYR B 524 6.19 -10.52 43.68
C TYR B 524 5.54 -11.89 43.59
N LEU B 525 6.28 -12.88 43.10
CA LEU B 525 5.80 -14.26 43.07
C LEU B 525 6.02 -14.92 44.43
N PRO B 526 5.05 -15.73 44.87
CA PRO B 526 5.25 -16.57 46.06
C PRO B 526 6.49 -17.44 45.93
N GLU B 527 7.43 -17.32 46.87
CA GLU B 527 8.64 -18.12 46.87
C GLU B 527 9.55 -17.76 45.69
N GLY B 528 9.18 -16.72 44.95
CA GLY B 528 9.88 -16.40 43.71
C GLY B 528 9.89 -17.61 42.81
N ASP B 529 8.82 -18.39 42.86
CA ASP B 529 8.72 -19.64 42.14
C ASP B 529 7.90 -19.46 40.86
N PHE B 530 8.56 -19.55 39.72
CA PHE B 530 7.92 -19.35 38.42
C PHE B 530 7.11 -20.55 37.96
N SER B 531 7.20 -21.65 38.72
CA SER B 531 6.54 -22.89 38.33
C SER B 531 5.04 -22.68 38.15
N ILE B 532 4.47 -21.74 38.90
CA ILE B 532 3.03 -21.51 38.88
C ILE B 532 2.59 -20.89 37.55
N MET B 533 3.47 -20.11 36.92
CA MET B 533 3.18 -19.53 35.62
C MET B 533 3.40 -20.56 34.51
N THR B 534 4.52 -21.27 34.59
CA THR B 534 4.88 -22.24 33.57
C THR B 534 3.90 -23.40 33.50
N GLU B 535 3.43 -23.87 34.66
CA GLU B 535 2.46 -24.95 34.69
C GLU B 535 1.16 -24.52 34.03
N MET B 536 0.75 -23.28 34.31
CA MET B 536 -0.47 -22.74 33.74
C MET B 536 -0.32 -22.58 32.23
N LEU B 537 0.86 -22.14 31.80
CA LEU B 537 1.12 -21.93 30.37
C LEU B 537 1.14 -23.25 29.60
N LYS B 538 1.65 -24.30 30.23
CA LYS B 538 1.62 -25.63 29.60
C LYS B 538 0.19 -26.06 29.34
N LYS B 539 -0.65 -25.96 30.37
CA LYS B 539 -2.06 -26.34 30.25
C LYS B 539 -2.78 -25.42 29.27
N PHE B 540 -2.40 -24.16 29.26
CA PHE B 540 -2.94 -23.19 28.31
C PHE B 540 -2.65 -23.65 26.88
N LEU B 541 -1.41 -24.06 26.66
CA LEU B 541 -0.97 -24.46 25.32
C LEU B 541 -1.67 -25.74 24.88
N SER B 542 -1.92 -26.64 25.82
CA SER B 542 -2.63 -27.89 25.52
C SER B 542 -4.09 -27.59 25.22
N PHE B 543 -4.64 -26.59 25.89
CA PHE B 543 -6.01 -26.16 25.63
C PHE B 543 -6.13 -25.51 24.26
N MET B 544 -5.13 -24.72 23.89
CA MET B 544 -5.11 -24.06 22.59
C MET B 544 -5.20 -25.07 21.45
N ASN B 545 -4.50 -26.19 21.58
CA ASN B 545 -4.51 -27.20 20.54
C ASN B 545 -5.75 -28.08 20.60
N LEU B 546 -6.49 -27.96 21.70
CA LEU B 546 -7.85 -28.49 21.77
C LEU B 546 -8.71 -27.59 20.89
N THR B 547 -8.27 -26.35 20.73
CA THR B 547 -9.02 -25.32 20.04
C THR B 547 -8.58 -25.11 18.60
N CYS B 548 -7.33 -25.50 18.29
CA CYS B 548 -6.80 -25.41 16.94
C CYS B 548 -6.59 -23.96 16.47
N ALA B 549 -6.74 -23.01 17.39
CA ALA B 549 -6.72 -21.59 17.04
C ALA B 549 -5.33 -21.07 16.71
N VAL B 550 -4.30 -21.83 17.10
CA VAL B 550 -2.95 -21.33 17.09
C VAL B 550 -2.07 -22.08 16.08
N GLY B 551 -1.14 -21.37 15.46
CA GLY B 551 -0.25 -21.95 14.48
C GLY B 551 1.01 -22.54 15.10
N THR B 552 1.74 -23.32 14.32
CA THR B 552 2.97 -23.94 14.78
C THR B 552 3.90 -22.91 15.41
N THR B 553 3.95 -21.72 14.82
CA THR B 553 4.90 -20.69 15.26
C THR B 553 4.51 -20.13 16.63
N GLY B 554 3.23 -19.83 16.81
CA GLY B 554 2.75 -19.33 18.09
C GLY B 554 2.95 -20.37 19.17
N GLN B 555 2.65 -21.62 18.84
CA GLN B 555 2.83 -22.72 19.77
C GLN B 555 4.29 -22.85 20.18
N LYS B 556 5.19 -22.67 19.22
CA LYS B 556 6.62 -22.78 19.50
C LYS B 556 7.10 -21.66 20.40
N SER B 557 6.73 -20.42 20.10
CA SER B 557 7.21 -19.27 20.85
C SER B 557 6.66 -19.30 22.28
N ILE B 558 5.46 -19.83 22.45
CA ILE B 558 4.89 -20.01 23.78
C ILE B 558 5.68 -21.08 24.51
N SER B 559 6.11 -22.11 23.79
CA SER B 559 6.92 -23.17 24.36
C SER B 559 8.26 -22.61 24.83
N ARG B 560 8.80 -21.68 24.07
CA ARG B 560 10.09 -21.07 24.41
C ARG B 560 9.95 -20.18 25.65
N VAL B 561 8.84 -19.47 25.76
CA VAL B 561 8.58 -18.66 26.93
C VAL B 561 8.50 -19.54 28.17
N ILE B 562 7.99 -20.76 28.00
CA ILE B 562 7.89 -21.72 29.10
C ILE B 562 9.27 -22.24 29.48
N GLU B 563 10.09 -22.54 28.48
CA GLU B 563 11.47 -22.97 28.73
C GLU B 563 12.22 -21.91 29.52
N TYR B 564 12.18 -20.69 29.02
CA TYR B 564 12.88 -19.57 29.64
C TYR B 564 12.48 -19.41 31.09
N LEU B 565 11.18 -19.31 31.35
CA LEU B 565 10.67 -19.12 32.70
C LEU B 565 11.02 -20.31 33.59
N GLU B 566 11.24 -21.47 32.98
CA GLU B 566 11.60 -22.67 33.73
C GLU B 566 13.04 -22.60 34.22
N HIS B 567 13.85 -21.78 33.54
CA HIS B 567 15.22 -21.52 34.00
C HIS B 567 15.27 -20.26 34.83
N CYS B 568 14.21 -19.96 35.56
CA CYS B 568 14.13 -18.73 36.34
C CYS B 568 13.66 -18.99 37.77
#